data_3UJ4
#
_entry.id   3UJ4
#
_cell.length_a   63.108
_cell.length_b   77.191
_cell.length_c   101.509
_cell.angle_alpha   105.360
_cell.angle_beta   99.980
_cell.angle_gamma   101.040
#
_symmetry.space_group_name_H-M   'P 1'
#
loop_
_entity.id
_entity.type
_entity.pdbx_description
1 polymer 'Inositol 1,4,5-trisphosphate receptor type 1'
2 non-polymer 'SULFATE ION'
3 water water
#
_entity_poly.entity_id   1
_entity_poly.type   'polypeptide(L)'
_entity_poly.pdbx_seq_one_letter_code
;MSDKMSSFLHIGDIASLYAEGSTNGFISTLGLVDDRAVVQPEAGDLNNPPKKFRDALFKLAPMNRYSAQKQFWKAAKPGA
NSTTDAVLLNKLHHAADLEKKQNETENRKLLGTVIQYGNVIQLLHLKSNKYLTVNKRLPALLEKNAMRVTLDEAGNEGSW
FYIQPFYKLRSIGDSVVIGDKVVLNPVNAGQPLHASSHQLVDNPGANEVNSVNANTSWKIVLFMKWSDNKDDILKGGDVV
RLFHAEQEKFLTADEHRKKQHVFLRTTGRQSATSATSSKALWEVEVVQHDPARGGAGYWNSLFRFKHLATGHYLAAEVDP
DFEEEALEFQPSVDPDQDASRSRLRNAQEKMVYSLVSVPEGNDISSIFELDPTTLRGGDSLVPRNSYVRLRHLATNTWVH
STNIPIDKEEEKPVMLKIGTSPLKEDKEAFAIVPVSPAEVRDLDFANDASKVLGSIAGKLEKGTITQNERRSVTKLLEDL
VYFVTGGTNSGQDVLEVVFSKPNRERQKLMREQNILKQIFKLLQAPFTDAGDGPMLRLEELGDQRHAPFRHIARLAYRVL
RHSQQDYRKNQEYIAKQFGFMQKQIGYDVLAEDTITALLHNNRK
;
_entity_poly.pdbx_strand_id   A,B
#
# COMPACT_ATOMS: atom_id res chain seq x y z
N SER A 7 -7.21 5.53 15.44
CA SER A 7 -8.06 5.40 14.22
C SER A 7 -7.41 6.16 13.09
N PHE A 8 -6.95 5.44 12.08
CA PHE A 8 -6.16 6.08 11.03
C PHE A 8 -6.94 6.20 9.72
N LEU A 9 -6.46 7.08 8.85
CA LEU A 9 -7.11 7.32 7.56
C LEU A 9 -6.53 6.34 6.55
N HIS A 10 -7.42 5.71 5.79
CA HIS A 10 -7.03 4.62 4.87
C HIS A 10 -7.40 4.93 3.46
N ILE A 11 -6.53 4.60 2.52
CA ILE A 11 -6.92 4.59 1.13
C ILE A 11 -8.18 3.74 1.04
N GLY A 12 -9.26 4.33 0.53
CA GLY A 12 -10.54 3.63 0.41
C GLY A 12 -11.59 4.04 1.42
N ASP A 13 -11.19 4.79 2.44
CA ASP A 13 -12.14 5.37 3.39
C ASP A 13 -12.98 6.42 2.69
N ILE A 14 -14.26 6.48 3.06
CA ILE A 14 -15.10 7.58 2.62
C ILE A 14 -15.17 8.56 3.77
N ALA A 15 -14.92 9.82 3.47
CA ALA A 15 -14.91 10.88 4.48
C ALA A 15 -15.40 12.20 3.91
N SER A 16 -15.87 13.05 4.80
CA SER A 16 -16.19 14.43 4.47
C SER A 16 -15.04 15.29 4.97
N LEU A 17 -14.83 16.42 4.31
CA LEU A 17 -13.77 17.33 4.71
C LEU A 17 -14.40 18.58 5.25
N TYR A 18 -14.01 19.00 6.45
CA TYR A 18 -14.66 20.15 7.07
C TYR A 18 -13.70 21.32 7.21
N ALA A 19 -13.91 22.35 6.40
CA ALA A 19 -13.15 23.60 6.48
C ALA A 19 -13.33 24.23 7.84
N GLU A 20 -12.20 24.54 8.46
CA GLU A 20 -12.20 25.28 9.70
C GLU A 20 -11.30 26.52 9.62
N GLY A 21 -11.62 27.49 10.47
CA GLY A 21 -10.93 28.77 10.44
C GLY A 21 -11.92 29.89 10.29
N SER A 22 -11.66 30.80 9.36
CA SER A 22 -12.53 31.95 9.09
C SER A 22 -13.85 31.55 8.40
N THR A 23 -13.78 30.57 7.52
CA THR A 23 -14.97 30.02 6.87
C THR A 23 -15.14 28.54 7.24
N ASN A 24 -16.18 28.24 8.01
CA ASN A 24 -16.45 26.88 8.48
C ASN A 24 -17.53 26.20 7.64
N GLY A 25 -17.28 24.96 7.21
CA GLY A 25 -18.27 24.18 6.48
C GLY A 25 -17.66 23.02 5.75
N PHE A 26 -18.50 22.11 5.26
CA PHE A 26 -18.06 20.95 4.48
C PHE A 26 -17.97 21.34 3.02
N ILE A 27 -16.93 20.89 2.30
CA ILE A 27 -16.92 20.97 0.85
C ILE A 27 -18.09 20.15 0.36
N SER A 28 -18.91 20.75 -0.48
CA SER A 28 -19.87 20.00 -1.26
C SER A 28 -19.84 20.58 -2.67
N THR A 29 -20.77 20.13 -3.52
CA THR A 29 -20.82 20.61 -4.89
C THR A 29 -22.18 21.22 -5.17
N LEU A 30 -22.34 21.83 -6.34
CA LEU A 30 -23.61 22.40 -6.73
C LEU A 30 -24.31 21.56 -7.78
N GLY A 31 -24.05 20.25 -7.78
CA GLY A 31 -24.82 19.32 -8.59
C GLY A 31 -23.99 18.45 -9.51
N LEU A 32 -24.62 17.99 -10.57
CA LEU A 32 -24.01 17.06 -11.52
C LEU A 32 -23.67 17.73 -12.86
N VAL A 33 -24.35 18.82 -13.18
CA VAL A 33 -24.05 19.60 -14.40
C VAL A 33 -22.97 20.64 -14.14
N ASP A 34 -23.12 21.40 -13.05
CA ASP A 34 -22.17 22.42 -12.60
C ASP A 34 -20.94 21.75 -11.99
N ASP A 35 -19.75 22.23 -12.35
CA ASP A 35 -18.50 21.61 -11.91
C ASP A 35 -17.68 22.39 -10.86
N ARG A 36 -18.36 23.20 -10.05
CA ARG A 36 -17.68 23.96 -9.00
C ARG A 36 -17.74 23.27 -7.64
N ALA A 37 -16.71 23.48 -6.83
CA ALA A 37 -16.71 23.06 -5.41
C ALA A 37 -16.94 24.25 -4.47
N VAL A 38 -17.90 24.10 -3.58
CA VAL A 38 -18.28 25.17 -2.66
C VAL A 38 -18.21 24.75 -1.20
N VAL A 39 -18.47 25.67 -0.30
CA VAL A 39 -18.59 25.40 1.13
C VAL A 39 -19.81 26.19 1.58
N GLN A 40 -20.75 25.54 2.28
CA GLN A 40 -21.94 26.28 2.74
C GLN A 40 -21.95 26.36 4.28
N PRO A 41 -21.40 27.46 4.82
CA PRO A 41 -21.17 27.62 6.25
C PRO A 41 -22.44 27.48 7.09
N GLU A 42 -23.55 28.00 6.57
CA GLU A 42 -24.82 27.91 7.27
C GLU A 42 -25.62 26.66 6.94
N ALA A 43 -25.04 25.76 6.14
CA ALA A 43 -25.76 24.55 5.71
C ALA A 43 -25.75 23.44 6.74
N GLY A 44 -24.75 23.46 7.61
CA GLY A 44 -24.55 22.42 8.64
C GLY A 44 -23.14 22.40 9.18
N ASP A 45 -23.00 22.10 10.47
CA ASP A 45 -21.69 21.92 11.09
C ASP A 45 -21.47 20.49 11.57
N LEU A 46 -20.31 20.26 12.20
CA LEU A 46 -19.92 18.93 12.70
C LEU A 46 -20.98 18.23 13.55
N ASN A 47 -21.64 18.97 14.42
CA ASN A 47 -22.67 18.39 15.25
C ASN A 47 -23.99 18.23 14.51
N ASN A 48 -24.19 19.03 13.46
CA ASN A 48 -25.44 19.02 12.71
C ASN A 48 -25.22 19.08 11.24
N PRO A 49 -24.67 18.01 10.65
CA PRO A 49 -24.26 17.99 9.24
C PRO A 49 -25.40 18.36 8.28
N PRO A 50 -25.07 18.84 7.08
CA PRO A 50 -26.11 19.28 6.15
C PRO A 50 -27.07 18.16 5.82
N LYS A 51 -28.34 18.49 5.64
CA LYS A 51 -29.35 17.55 5.15
C LYS A 51 -28.86 16.77 3.90
N LYS A 52 -28.37 17.47 2.89
CA LYS A 52 -27.97 16.82 1.65
C LYS A 52 -26.55 16.20 1.76
N PHE A 53 -26.33 15.47 2.85
CA PHE A 53 -25.00 15.02 3.26
C PHE A 53 -24.28 14.09 2.28
N ARG A 54 -25.01 13.40 1.41
CA ARG A 54 -24.37 12.51 0.46
C ARG A 54 -23.47 13.27 -0.51
N ASP A 55 -23.81 14.54 -0.74
CA ASP A 55 -23.03 15.43 -1.58
C ASP A 55 -21.74 15.93 -0.91
N ALA A 56 -21.51 15.51 0.33
CA ALA A 56 -20.35 15.97 1.09
C ALA A 56 -19.23 14.95 1.19
N LEU A 57 -19.49 13.71 0.75
CA LEU A 57 -18.60 12.56 0.91
C LEU A 57 -17.53 12.39 -0.20
N PHE A 58 -16.28 12.26 0.21
CA PHE A 58 -15.17 11.98 -0.70
C PHE A 58 -14.49 10.66 -0.36
N LYS A 59 -14.15 9.87 -1.38
CA LYS A 59 -13.36 8.68 -1.15
C LYS A 59 -11.88 9.02 -1.33
N LEU A 60 -11.08 8.71 -0.32
CA LEU A 60 -9.63 8.84 -0.36
C LEU A 60 -9.01 7.83 -1.32
N ALA A 61 -8.36 8.32 -2.37
CA ALA A 61 -7.76 7.47 -3.41
C ALA A 61 -6.27 7.68 -3.59
N PRO A 62 -5.57 6.72 -4.23
CA PRO A 62 -4.13 6.90 -4.41
C PRO A 62 -3.82 7.83 -5.58
N MET A 63 -2.54 8.06 -5.85
CA MET A 63 -2.10 8.95 -6.92
C MET A 63 -2.12 8.26 -8.29
N ASN A 64 -3.10 8.57 -9.13
CA ASN A 64 -3.23 7.97 -10.47
C ASN A 64 -2.07 8.33 -11.42
N ARG A 65 -1.87 7.49 -12.43
CA ARG A 65 -0.91 7.72 -13.51
C ARG A 65 -1.60 8.51 -14.62
N TYR A 66 -1.03 9.65 -15.00
CA TYR A 66 -1.64 10.48 -16.05
C TYR A 66 -0.79 10.67 -17.30
N SER A 67 0.44 10.19 -17.22
CA SER A 67 1.40 10.28 -18.30
C SER A 67 0.83 9.83 -19.66
N ALA A 68 0.43 8.57 -19.81
CA ALA A 68 -0.14 8.06 -21.08
C ALA A 68 -1.39 8.82 -21.57
N GLN A 69 -2.23 9.23 -20.62
CA GLN A 69 -3.47 9.96 -20.91
C GLN A 69 -3.17 11.39 -21.35
N LYS A 70 -2.21 12.03 -20.71
CA LYS A 70 -1.79 13.38 -21.07
C LYS A 70 -1.39 13.41 -22.55
N GLN A 71 -0.65 12.40 -22.98
CA GLN A 71 -0.24 12.25 -24.38
C GLN A 71 -1.42 12.20 -25.35
N PHE A 72 -2.39 11.34 -25.06
CA PHE A 72 -3.57 11.20 -25.91
C PHE A 72 -4.40 12.49 -25.94
N TRP A 73 -4.74 13.03 -24.77
CA TRP A 73 -5.47 14.30 -24.69
C TRP A 73 -4.78 15.36 -25.50
N LYS A 74 -3.46 15.42 -25.40
CA LYS A 74 -2.64 16.37 -26.16
C LYS A 74 -2.78 16.16 -27.67
N ALA A 75 -2.86 14.90 -28.09
CA ALA A 75 -3.05 14.56 -29.50
C ALA A 75 -4.53 14.44 -29.88
N ALA A 76 -5.36 15.36 -29.40
CA ALA A 76 -6.79 15.42 -29.74
C ALA A 76 -7.14 16.72 -30.47
N ASP A 85 -0.73 11.68 -37.61
CA ASP A 85 -1.28 10.48 -38.25
C ASP A 85 -2.65 10.10 -37.67
N ALA A 86 -3.14 8.92 -38.05
CA ALA A 86 -4.37 8.35 -37.50
C ALA A 86 -4.08 7.07 -36.73
N VAL A 87 -3.10 6.31 -37.22
CA VAL A 87 -2.59 5.10 -36.56
C VAL A 87 -1.95 5.47 -35.21
N LEU A 88 -1.43 6.69 -35.13
CA LEU A 88 -0.83 7.24 -33.91
C LEU A 88 -1.85 7.27 -32.78
N LEU A 89 -3.08 7.69 -33.09
CA LEU A 89 -4.16 7.74 -32.10
C LEU A 89 -4.44 6.37 -31.46
N ASN A 90 -4.45 5.33 -32.28
CA ASN A 90 -4.61 3.96 -31.78
C ASN A 90 -3.56 3.64 -30.73
N LYS A 91 -2.29 3.68 -31.13
CA LYS A 91 -1.14 3.48 -30.24
C LYS A 91 -1.24 4.22 -28.90
N LEU A 92 -1.60 5.50 -28.96
CA LEU A 92 -1.70 6.36 -27.77
C LEU A 92 -2.93 6.06 -26.92
N HIS A 93 -4.02 5.69 -27.59
CA HIS A 93 -5.28 5.34 -26.93
C HIS A 93 -5.19 4.01 -26.23
N HIS A 94 -4.50 3.05 -26.85
CA HIS A 94 -4.19 1.76 -26.23
C HIS A 94 -3.24 1.95 -25.06
N ALA A 95 -2.31 2.90 -25.22
CA ALA A 95 -1.37 3.26 -24.15
C ALA A 95 -2.14 3.84 -22.98
N ALA A 96 -3.12 4.70 -23.28
CA ALA A 96 -3.96 5.31 -22.24
C ALA A 96 -4.92 4.30 -21.60
N ASP A 97 -5.50 3.41 -22.41
CA ASP A 97 -6.36 2.35 -21.89
C ASP A 97 -5.62 1.49 -20.87
N LEU A 98 -4.43 1.02 -21.26
CA LEU A 98 -3.56 0.22 -20.41
C LEU A 98 -3.17 0.97 -19.12
N GLU A 99 -3.08 2.30 -19.19
CA GLU A 99 -2.74 3.11 -18.02
C GLU A 99 -3.92 3.27 -17.07
N LYS A 100 -5.12 3.39 -17.61
CA LYS A 100 -6.31 3.47 -16.78
C LYS A 100 -6.60 2.14 -16.09
N LYS A 101 -6.29 1.05 -16.78
CA LYS A 101 -6.39 -0.29 -16.22
C LYS A 101 -5.33 -0.50 -15.14
N GLN A 102 -4.09 -0.06 -15.41
CA GLN A 102 -3.02 -0.06 -14.39
C GLN A 102 -3.48 0.59 -13.08
N ASN A 103 -4.08 1.77 -13.16
CA ASN A 103 -4.58 2.46 -11.98
C ASN A 103 -5.65 1.66 -11.22
N GLU A 104 -6.66 1.15 -11.94
CA GLU A 104 -7.70 0.33 -11.32
C GLU A 104 -7.07 -0.84 -10.57
N THR A 105 -6.14 -1.53 -11.22
CA THR A 105 -5.41 -2.67 -10.64
C THR A 105 -4.53 -2.27 -9.45
N GLU A 106 -3.59 -1.36 -9.65
CA GLU A 106 -2.65 -0.99 -8.60
C GLU A 106 -3.33 -0.35 -7.40
N ASN A 107 -4.26 0.58 -7.64
CA ASN A 107 -5.00 1.25 -6.56
C ASN A 107 -5.81 0.28 -5.71
N ARG A 108 -6.25 -0.81 -6.32
CA ARG A 108 -7.00 -1.83 -5.60
C ARG A 108 -6.12 -2.49 -4.54
N LYS A 109 -4.85 -2.76 -4.89
CA LYS A 109 -3.88 -3.31 -3.94
C LYS A 109 -3.55 -2.29 -2.85
N LEU A 110 -4.03 -1.06 -2.99
CA LEU A 110 -3.73 -0.06 -1.98
C LEU A 110 -4.86 0.16 -0.99
N LEU A 111 -5.97 -0.55 -1.16
CA LEU A 111 -7.15 -0.43 -0.30
C LEU A 111 -6.88 -0.82 1.14
N GLY A 112 -7.09 0.10 2.06
CA GLY A 112 -6.89 -0.20 3.46
C GLY A 112 -5.48 0.01 3.97
N THR A 113 -4.58 0.46 3.10
CA THR A 113 -3.29 0.94 3.59
C THR A 113 -3.45 2.31 4.28
N VAL A 114 -2.61 2.56 5.28
CA VAL A 114 -2.68 3.82 6.03
C VAL A 114 -2.02 4.93 5.23
N ILE A 115 -2.69 6.07 5.14
CA ILE A 115 -2.16 7.26 4.53
C ILE A 115 -1.19 7.92 5.50
N GLN A 116 0.02 8.18 5.03
CA GLN A 116 1.05 8.89 5.80
C GLN A 116 1.16 10.34 5.34
N TYR A 117 1.44 11.25 6.27
CA TYR A 117 1.61 12.68 5.94
C TYR A 117 2.73 12.89 4.95
N GLY A 118 2.42 13.51 3.82
CA GLY A 118 3.39 13.69 2.76
C GLY A 118 3.07 12.83 1.55
N ASN A 119 2.26 11.79 1.75
CA ASN A 119 1.77 10.98 0.63
C ASN A 119 0.97 11.84 -0.31
N VAL A 120 1.00 11.49 -1.59
CA VAL A 120 0.14 12.12 -2.58
C VAL A 120 -1.19 11.38 -2.59
N ILE A 121 -2.30 12.09 -2.54
CA ILE A 121 -3.62 11.43 -2.60
C ILE A 121 -4.58 12.09 -3.59
N GLN A 122 -5.64 11.39 -3.97
CA GLN A 122 -6.73 11.97 -4.76
C GLN A 122 -8.05 11.90 -3.97
N LEU A 123 -9.00 12.73 -4.37
CA LEU A 123 -10.25 12.91 -3.65
C LEU A 123 -11.42 12.73 -4.60
N LEU A 124 -11.94 11.51 -4.62
CA LEU A 124 -13.04 11.17 -5.49
C LEU A 124 -14.38 11.59 -4.84
N HIS A 125 -15.00 12.63 -5.38
CA HIS A 125 -16.33 13.02 -4.98
C HIS A 125 -17.28 11.92 -5.34
N LEU A 126 -17.81 11.24 -4.34
CA LEU A 126 -18.67 10.08 -4.55
C LEU A 126 -19.89 10.33 -5.42
N LYS A 127 -20.65 11.38 -5.12
CA LYS A 127 -21.93 11.62 -5.77
C LYS A 127 -21.79 11.74 -7.27
N SER A 128 -20.91 12.64 -7.71
CA SER A 128 -20.68 12.88 -9.15
C SER A 128 -19.63 11.93 -9.76
N ASN A 129 -18.81 11.32 -8.91
CA ASN A 129 -17.79 10.40 -9.39
C ASN A 129 -16.66 11.14 -10.11
N LYS A 130 -16.34 12.31 -9.59
CA LYS A 130 -15.32 13.15 -10.18
C LYS A 130 -14.25 13.45 -9.13
N TYR A 131 -13.05 13.76 -9.62
CA TYR A 131 -11.93 14.14 -8.76
C TYR A 131 -11.87 15.65 -8.58
N LEU A 132 -11.66 16.07 -7.34
CA LEU A 132 -11.41 17.47 -7.04
C LEU A 132 -10.07 17.77 -7.67
N THR A 133 -9.98 18.89 -8.39
CA THR A 133 -8.83 19.14 -9.26
C THR A 133 -8.51 20.64 -9.34
N VAL A 134 -7.25 20.98 -9.11
CA VAL A 134 -6.77 22.34 -9.27
C VAL A 134 -6.31 22.51 -10.71
N ASN A 135 -6.49 23.69 -11.28
CA ASN A 135 -5.90 24.02 -12.58
C ASN A 135 -4.94 25.22 -12.53
N LYS A 136 -3.63 24.92 -12.50
CA LYS A 136 -2.56 25.93 -12.44
C LYS A 136 -2.75 27.08 -13.43
N ARG A 137 -3.31 26.77 -14.60
CA ARG A 137 -3.35 27.71 -15.72
C ARG A 137 -4.61 28.58 -15.73
N LEU A 138 -5.60 28.22 -14.91
CA LEU A 138 -6.86 28.98 -14.85
C LEU A 138 -7.08 29.67 -13.53
N PRO A 139 -7.42 30.98 -13.58
CA PRO A 139 -7.81 31.72 -12.37
C PRO A 139 -9.17 31.29 -11.85
N ALA A 140 -9.28 31.21 -10.52
CA ALA A 140 -10.56 31.11 -9.81
C ALA A 140 -11.58 32.07 -10.38
N LEU A 141 -12.85 31.68 -10.35
CA LEU A 141 -13.90 32.55 -10.88
C LEU A 141 -14.12 33.77 -10.00
N LEU A 142 -13.90 33.63 -8.70
CA LEU A 142 -14.24 34.71 -7.77
C LEU A 142 -13.07 35.43 -7.08
N GLU A 143 -12.15 34.67 -6.51
CA GLU A 143 -11.10 35.25 -5.67
C GLU A 143 -9.92 35.80 -6.48
N LYS A 144 -9.44 36.97 -6.04
CA LYS A 144 -8.45 37.78 -6.76
C LYS A 144 -7.30 36.95 -7.34
N ASN A 145 -6.41 36.42 -6.50
CA ASN A 145 -5.18 35.86 -7.06
C ASN A 145 -5.06 34.34 -6.91
N ALA A 146 -6.19 33.64 -7.08
CA ALA A 146 -6.28 32.20 -6.80
C ALA A 146 -6.52 31.36 -8.05
N MET A 147 -6.02 30.13 -8.04
CA MET A 147 -6.25 29.23 -9.15
C MET A 147 -7.56 28.42 -9.02
N ARG A 148 -8.07 27.97 -10.16
CA ARG A 148 -9.39 27.38 -10.27
C ARG A 148 -9.46 25.92 -9.85
N VAL A 149 -10.55 25.55 -9.18
CA VAL A 149 -10.75 24.22 -8.63
C VAL A 149 -12.08 23.63 -9.13
N THR A 150 -12.00 22.56 -9.91
CA THR A 150 -13.20 21.97 -10.51
C THR A 150 -13.29 20.50 -10.18
N LEU A 151 -14.40 19.89 -10.58
CA LEU A 151 -14.55 18.45 -10.55
C LEU A 151 -14.36 17.93 -11.95
N ASP A 152 -13.52 16.91 -12.04
CA ASP A 152 -13.11 16.32 -13.31
C ASP A 152 -13.33 14.82 -13.21
N GLU A 153 -13.94 14.22 -14.23
CA GLU A 153 -14.21 12.78 -14.20
C GLU A 153 -12.91 11.97 -14.17
N ALA A 154 -12.06 12.12 -15.19
CA ALA A 154 -10.80 11.38 -15.28
C ALA A 154 -9.72 11.92 -14.35
N GLY A 155 -9.91 13.15 -13.87
CA GLY A 155 -8.86 13.88 -13.15
C GLY A 155 -7.64 14.09 -14.02
N ASN A 156 -6.59 14.65 -13.44
CA ASN A 156 -5.28 14.75 -14.10
C ASN A 156 -4.24 15.13 -13.06
N GLU A 157 -3.05 15.54 -13.51
CA GLU A 157 -1.97 15.88 -12.61
C GLU A 157 -2.43 16.88 -11.56
N GLY A 158 -3.35 17.77 -11.95
CA GLY A 158 -3.96 18.70 -11.01
C GLY A 158 -4.83 18.06 -9.94
N SER A 159 -5.05 16.75 -10.03
CA SER A 159 -5.82 16.01 -9.03
C SER A 159 -4.97 15.53 -7.86
N TRP A 160 -3.65 15.64 -7.99
CA TRP A 160 -2.72 15.16 -6.97
C TRP A 160 -2.55 16.12 -5.84
N PHE A 161 -2.97 15.73 -4.63
CA PHE A 161 -2.65 16.53 -3.43
C PHE A 161 -1.66 15.86 -2.47
N TYR A 162 -0.64 16.59 -2.04
CA TYR A 162 0.08 16.23 -0.83
C TYR A 162 -0.86 16.49 0.35
N ILE A 163 -1.02 15.50 1.22
CA ILE A 163 -1.73 15.66 2.48
C ILE A 163 -0.73 16.00 3.60
N GLN A 164 -0.85 17.22 4.12
CA GLN A 164 0.13 17.78 5.03
C GLN A 164 -0.48 18.20 6.35
N PRO A 165 0.31 18.14 7.45
CA PRO A 165 -0.23 18.40 8.78
C PRO A 165 -0.42 19.88 9.04
N PHE A 166 -1.61 20.27 9.48
CA PHE A 166 -1.88 21.67 9.77
C PHE A 166 -1.16 22.16 11.02
N TYR A 167 -0.94 21.26 11.97
CA TYR A 167 -0.33 21.61 13.25
C TYR A 167 0.98 20.84 13.44
N LYS A 168 1.84 21.36 14.30
CA LYS A 168 3.10 20.70 14.65
C LYS A 168 2.88 19.43 15.47
N LEU A 169 1.66 19.24 15.96
CA LEU A 169 1.28 18.02 16.67
C LEU A 169 1.60 16.74 15.88
N ARG A 170 1.63 16.85 14.55
CA ARG A 170 2.05 15.73 13.69
C ARG A 170 2.99 16.11 12.54
N SER A 171 3.66 15.11 11.97
CA SER A 171 4.77 15.34 11.05
C SER A 171 4.66 14.55 9.78
N ILE A 172 5.45 14.98 8.79
CA ILE A 172 5.72 14.18 7.60
C ILE A 172 6.13 12.77 8.03
N GLY A 173 5.49 11.77 7.44
CA GLY A 173 5.79 10.37 7.74
C GLY A 173 4.83 9.77 8.73
N ASP A 174 4.20 10.61 9.53
CA ASP A 174 3.23 10.18 10.51
C ASP A 174 1.97 9.66 9.86
N SER A 175 1.29 8.71 10.51
CA SER A 175 -0.03 8.29 10.04
C SER A 175 -1.02 9.43 10.26
N VAL A 176 -1.95 9.58 9.33
CA VAL A 176 -2.98 10.61 9.45
C VAL A 176 -4.09 10.10 10.33
N VAL A 177 -4.42 10.83 11.39
CA VAL A 177 -5.47 10.36 12.29
C VAL A 177 -6.84 10.90 11.87
N ILE A 178 -7.88 10.12 12.13
CA ILE A 178 -9.23 10.54 11.82
C ILE A 178 -9.55 11.73 12.71
N GLY A 179 -9.99 12.82 12.09
CA GLY A 179 -10.34 14.02 12.82
C GLY A 179 -9.22 15.05 12.83
N ASP A 180 -8.07 14.65 12.26
CA ASP A 180 -6.92 15.53 12.13
C ASP A 180 -7.26 16.65 11.19
N LYS A 181 -6.74 17.83 11.47
CA LYS A 181 -6.92 18.96 10.59
C LYS A 181 -5.72 19.03 9.64
N VAL A 182 -5.97 18.88 8.35
CA VAL A 182 -4.90 18.78 7.36
C VAL A 182 -4.85 19.95 6.35
N VAL A 183 -3.71 20.09 5.69
CA VAL A 183 -3.55 21.02 4.57
C VAL A 183 -3.49 20.16 3.34
N LEU A 184 -4.24 20.52 2.29
CA LEU A 184 -4.27 19.75 1.04
C LEU A 184 -3.59 20.56 -0.04
N ASN A 185 -2.36 20.19 -0.35
CA ASN A 185 -1.50 21.01 -1.17
C ASN A 185 -1.20 20.35 -2.51
N PRO A 186 -1.74 20.92 -3.61
CA PRO A 186 -1.50 20.45 -4.98
C PRO A 186 -0.02 20.23 -5.25
N VAL A 187 0.31 19.20 -6.01
CA VAL A 187 1.71 18.86 -6.30
C VAL A 187 2.31 19.85 -7.29
N ASN A 188 1.49 20.48 -8.13
CA ASN A 188 2.01 21.38 -9.16
C ASN A 188 1.64 22.87 -9.04
N ALA A 189 0.37 23.19 -8.82
CA ALA A 189 -0.07 24.57 -8.57
C ALA A 189 0.61 25.04 -7.30
N GLY A 190 0.55 24.19 -6.29
CA GLY A 190 1.35 24.31 -5.06
C GLY A 190 0.80 25.39 -4.14
N GLN A 191 -0.43 25.80 -4.41
CA GLN A 191 -1.15 26.64 -3.47
C GLN A 191 -2.26 25.80 -2.88
N PRO A 192 -2.22 25.63 -1.57
CA PRO A 192 -3.17 24.80 -0.83
C PRO A 192 -4.61 25.10 -1.17
N LEU A 193 -5.45 24.08 -1.06
CA LEU A 193 -6.86 24.21 -1.25
C LEU A 193 -7.41 25.18 -0.20
N HIS A 194 -8.41 25.96 -0.57
CA HIS A 194 -8.79 27.12 0.23
C HIS A 194 -10.27 27.32 0.15
N ALA A 195 -10.85 27.63 1.29
CA ALA A 195 -12.26 27.98 1.39
C ALA A 195 -12.37 29.50 1.53
N SER A 196 -12.89 30.14 0.49
CA SER A 196 -12.91 31.59 0.45
C SER A 196 -14.08 32.19 1.20
N SER A 197 -13.93 33.47 1.52
CA SER A 197 -15.00 34.32 2.03
C SER A 197 -15.83 34.84 0.88
N HIS A 198 -15.43 34.53 -0.35
CA HIS A 198 -16.19 34.94 -1.52
C HIS A 198 -17.37 34.05 -1.76
N GLN A 199 -18.52 34.69 -1.86
CA GLN A 199 -19.80 34.04 -1.95
C GLN A 199 -20.27 34.04 -3.40
N LEU A 200 -20.97 32.98 -3.80
CA LEU A 200 -21.51 32.90 -5.15
C LEU A 200 -22.82 33.67 -5.18
N VAL A 201 -23.04 34.38 -6.28
CA VAL A 201 -24.24 35.19 -6.44
C VAL A 201 -25.43 34.31 -6.81
N ASP A 202 -25.18 33.34 -7.68
CA ASP A 202 -26.23 32.45 -8.19
C ASP A 202 -26.69 31.48 -7.12
N ASN A 203 -25.85 31.26 -6.12
CA ASN A 203 -26.13 30.37 -5.00
C ASN A 203 -25.63 31.01 -3.70
N PRO A 204 -26.43 31.92 -3.10
CA PRO A 204 -26.03 32.74 -1.95
C PRO A 204 -25.53 31.94 -0.74
N GLY A 205 -26.06 30.74 -0.54
CA GLY A 205 -25.55 29.87 0.52
C GLY A 205 -24.07 29.57 0.44
N ALA A 206 -23.56 29.41 -0.79
CA ALA A 206 -22.22 28.83 -1.04
C ALA A 206 -21.05 29.83 -1.16
N ASN A 207 -19.88 29.37 -0.75
CA ASN A 207 -18.62 30.10 -0.81
C ASN A 207 -17.62 29.34 -1.72
N GLU A 208 -16.86 30.07 -2.53
CA GLU A 208 -15.91 29.44 -3.47
C GLU A 208 -14.77 28.69 -2.78
N VAL A 209 -14.53 27.46 -3.24
CA VAL A 209 -13.32 26.70 -2.89
C VAL A 209 -12.31 26.86 -4.02
N ASN A 210 -11.14 27.38 -3.69
CA ASN A 210 -10.15 27.64 -4.71
C ASN A 210 -8.74 27.34 -4.20
N SER A 211 -7.72 27.77 -4.95
CA SER A 211 -6.35 27.41 -4.61
C SER A 211 -5.48 28.64 -4.50
N VAL A 212 -4.92 28.86 -3.31
CA VAL A 212 -4.16 30.07 -3.00
C VAL A 212 -3.44 29.87 -1.68
N ASN A 213 -2.36 30.62 -1.45
CA ASN A 213 -1.68 30.65 -0.15
C ASN A 213 -2.60 31.25 0.91
N ALA A 214 -3.11 30.40 1.78
CA ALA A 214 -4.00 30.81 2.85
C ALA A 214 -3.83 29.88 4.05
N ASN A 215 -4.67 30.05 5.06
CA ASN A 215 -4.53 29.29 6.29
C ASN A 215 -5.74 28.38 6.57
N THR A 216 -6.42 27.97 5.50
CA THR A 216 -7.55 27.06 5.62
C THR A 216 -7.07 25.70 6.13
N SER A 217 -7.83 25.10 7.03
CA SER A 217 -7.52 23.76 7.50
C SER A 217 -8.71 22.86 7.27
N TRP A 218 -8.44 21.61 6.92
CA TRP A 218 -9.48 20.67 6.60
C TRP A 218 -9.45 19.49 7.52
N LYS A 219 -10.55 19.28 8.23
CA LYS A 219 -10.69 18.18 9.16
C LYS A 219 -11.26 16.98 8.42
N ILE A 220 -10.50 15.87 8.42
CA ILE A 220 -10.98 14.60 7.88
C ILE A 220 -12.02 13.99 8.83
N VAL A 221 -13.24 13.84 8.35
CA VAL A 221 -14.35 13.33 9.13
C VAL A 221 -14.84 12.04 8.50
N LEU A 222 -14.43 10.93 9.10
CA LEU A 222 -14.71 9.59 8.61
C LEU A 222 -16.22 9.31 8.53
N PHE A 223 -16.69 9.00 7.32
CA PHE A 223 -18.05 8.51 7.10
C PHE A 223 -17.85 7.02 7.33
N MET A 224 -17.17 6.35 6.41
CA MET A 224 -17.10 4.89 6.43
C MET A 224 -15.69 4.38 6.18
N LYS A 225 -15.27 3.42 7.00
CA LYS A 225 -14.03 2.69 6.81
C LYS A 225 -14.12 1.86 5.56
N TRP A 226 -13.04 1.88 4.78
CA TRP A 226 -12.86 0.98 3.64
C TRP A 226 -13.39 -0.43 3.91
N SER A 227 -13.09 -0.97 5.10
CA SER A 227 -13.53 -2.30 5.54
C SER A 227 -15.02 -2.52 5.39
N ASP A 228 -15.81 -1.48 5.64
CA ASP A 228 -17.28 -1.59 5.62
C ASP A 228 -17.88 -1.33 4.24
N ASN A 229 -17.09 -0.75 3.34
CA ASN A 229 -17.56 -0.42 1.99
C ASN A 229 -17.52 -1.61 1.02
N LYS A 230 -18.20 -2.69 1.42
CA LYS A 230 -18.32 -3.90 0.61
C LYS A 230 -19.62 -3.87 -0.21
N ASP A 231 -19.59 -4.51 -1.38
CA ASP A 231 -20.73 -4.49 -2.28
C ASP A 231 -21.86 -5.45 -1.87
N ASP A 232 -21.56 -6.43 -1.02
CA ASP A 232 -22.55 -7.44 -0.64
C ASP A 232 -23.20 -7.23 0.73
N ILE A 233 -23.05 -6.03 1.29
CA ILE A 233 -23.71 -5.69 2.55
C ILE A 233 -24.43 -4.34 2.50
N LEU A 234 -25.54 -4.26 3.25
CA LEU A 234 -26.33 -3.03 3.35
C LEU A 234 -25.63 -2.04 4.25
N LYS A 235 -25.47 -0.81 3.77
CA LYS A 235 -24.65 0.16 4.49
C LYS A 235 -25.18 1.59 4.38
N GLY A 236 -24.77 2.42 5.34
CA GLY A 236 -25.08 3.83 5.30
C GLY A 236 -24.84 4.42 3.91
N GLY A 237 -25.87 5.04 3.35
CA GLY A 237 -25.74 5.66 2.04
C GLY A 237 -26.38 4.87 0.93
N ASP A 238 -26.44 3.55 1.08
CA ASP A 238 -27.07 2.71 0.07
C ASP A 238 -28.46 3.23 -0.29
N VAL A 239 -28.70 3.42 -1.58
CA VAL A 239 -30.02 3.68 -2.12
C VAL A 239 -30.69 2.36 -2.52
N VAL A 240 -31.89 2.14 -2.00
CA VAL A 240 -32.59 0.87 -2.09
C VAL A 240 -34.03 1.08 -2.54
N ARG A 241 -34.66 0.03 -3.04
CA ARG A 241 -36.12 0.03 -3.17
C ARG A 241 -36.67 -0.91 -2.11
N LEU A 242 -37.86 -0.59 -1.58
CA LEU A 242 -38.49 -1.47 -0.61
C LEU A 242 -39.70 -2.18 -1.23
N PHE A 243 -39.53 -3.47 -1.53
CA PHE A 243 -40.53 -4.26 -2.25
C PHE A 243 -41.32 -5.15 -1.31
N HIS A 244 -42.59 -4.83 -1.08
CA HIS A 244 -43.45 -5.68 -0.24
C HIS A 244 -43.70 -6.99 -0.93
N ALA A 245 -43.24 -8.06 -0.30
CA ALA A 245 -43.15 -9.40 -0.90
C ALA A 245 -44.46 -10.03 -1.39
N GLU A 246 -45.48 -10.06 -0.52
CA GLU A 246 -46.78 -10.67 -0.86
C GLU A 246 -47.70 -9.73 -1.67
N GLN A 247 -47.62 -8.43 -1.39
CA GLN A 247 -48.36 -7.43 -2.17
C GLN A 247 -47.75 -7.21 -3.55
N GLU A 248 -46.49 -7.59 -3.69
CA GLU A 248 -45.73 -7.41 -4.94
C GLU A 248 -45.69 -5.95 -5.39
N LYS A 249 -45.59 -5.03 -4.43
CA LYS A 249 -45.59 -3.59 -4.72
C LYS A 249 -44.46 -2.90 -3.98
N PHE A 250 -43.91 -1.85 -4.59
CA PHE A 250 -42.85 -1.05 -3.99
C PHE A 250 -43.42 0.01 -3.06
N LEU A 251 -42.75 0.23 -1.92
CA LEU A 251 -43.08 1.33 -1.02
C LEU A 251 -42.60 2.64 -1.61
N THR A 252 -43.54 3.53 -1.90
CA THR A 252 -43.25 4.81 -2.53
C THR A 252 -43.86 5.97 -1.75
N ALA A 253 -43.25 7.15 -1.87
CA ALA A 253 -43.80 8.38 -1.30
C ALA A 253 -44.05 9.40 -2.41
N ASP A 254 -45.11 10.19 -2.27
CA ASP A 254 -45.53 11.14 -3.30
C ASP A 254 -46.56 12.14 -2.78
N GLU A 255 -46.70 13.25 -3.48
CA GLU A 255 -47.64 14.27 -3.10
C GLU A 255 -49.03 13.95 -3.65
N HIS A 256 -50.02 13.99 -2.77
CA HIS A 256 -51.41 13.92 -3.17
C HIS A 256 -52.16 14.94 -2.37
N ARG A 257 -52.94 15.77 -3.05
CA ARG A 257 -53.75 16.81 -2.42
C ARG A 257 -52.88 17.70 -1.50
N LYS A 258 -51.85 18.29 -2.10
CA LYS A 258 -50.93 19.25 -1.46
C LYS A 258 -50.24 18.81 -0.13
N LYS A 259 -50.14 17.50 0.09
CA LYS A 259 -49.33 16.96 1.20
C LYS A 259 -48.69 15.61 0.88
N GLN A 260 -47.62 15.28 1.58
CA GLN A 260 -46.84 14.09 1.28
C GLN A 260 -47.33 12.80 1.96
N HIS A 261 -47.32 11.71 1.20
CA HIS A 261 -47.89 10.44 1.64
C HIS A 261 -47.00 9.27 1.35
N VAL A 262 -47.00 8.31 2.26
CA VAL A 262 -46.31 7.04 2.08
C VAL A 262 -47.36 5.97 1.78
N PHE A 263 -47.13 5.20 0.72
CA PHE A 263 -48.10 4.21 0.26
C PHE A 263 -47.45 3.04 -0.47
N LEU A 264 -48.29 2.06 -0.85
CA LEU A 264 -47.90 1.05 -1.80
C LEU A 264 -48.61 1.31 -3.13
N ARG A 265 -47.85 1.31 -4.21
CA ARG A 265 -48.39 1.65 -5.51
C ARG A 265 -49.08 0.45 -6.18
N THR A 266 -50.36 0.59 -6.50
CA THR A 266 -51.11 -0.43 -7.24
C THR A 266 -50.53 -0.59 -8.66
N THR A 267 -50.70 -1.77 -9.24
CA THR A 267 -50.21 -2.09 -10.58
C THR A 267 -51.25 -2.87 -11.39
N GLY A 268 -51.26 -2.64 -12.70
CA GLY A 268 -52.14 -3.36 -13.64
C GLY A 268 -53.59 -2.92 -13.56
N SER A 271 -43.12 -8.68 -9.68
CA SER A 271 -42.50 -7.45 -10.16
C SER A 271 -41.23 -7.09 -9.35
N ALA A 272 -40.58 -8.10 -8.77
CA ALA A 272 -39.57 -7.94 -7.69
C ALA A 272 -38.35 -7.06 -8.00
N THR A 273 -38.03 -6.90 -9.28
CA THR A 273 -36.92 -6.06 -9.74
C THR A 273 -37.34 -5.26 -10.97
N SER A 274 -38.65 -5.04 -11.10
CA SER A 274 -39.20 -4.21 -12.18
C SER A 274 -38.80 -2.73 -11.97
N ALA A 275 -38.69 -2.00 -13.07
CA ALA A 275 -38.34 -0.58 -13.01
C ALA A 275 -39.46 0.21 -12.32
N THR A 276 -39.08 1.27 -11.62
CA THR A 276 -40.05 2.21 -11.05
C THR A 276 -39.56 3.64 -11.12
N SER A 277 -40.39 4.55 -10.60
CA SER A 277 -40.07 5.96 -10.55
C SER A 277 -39.05 6.22 -9.44
N SER A 278 -38.51 7.43 -9.42
CA SER A 278 -37.60 7.84 -8.35
C SER A 278 -38.35 7.97 -7.03
N LYS A 279 -39.67 8.11 -7.09
CA LYS A 279 -40.48 8.30 -5.90
C LYS A 279 -40.51 7.05 -5.01
N ALA A 280 -39.89 5.98 -5.50
CA ALA A 280 -39.81 4.73 -4.76
C ALA A 280 -38.37 4.40 -4.29
N LEU A 281 -37.47 5.38 -4.38
CA LEU A 281 -36.10 5.20 -3.92
C LEU A 281 -35.85 5.73 -2.50
N TRP A 282 -35.09 4.99 -1.71
CA TRP A 282 -34.83 5.34 -0.32
C TRP A 282 -33.37 5.24 -0.01
N GLU A 283 -32.83 6.25 0.67
CA GLU A 283 -31.45 6.16 1.15
C GLU A 283 -31.43 5.69 2.61
N VAL A 284 -30.72 4.60 2.83
CA VAL A 284 -30.63 3.95 4.13
C VAL A 284 -29.62 4.67 4.99
N GLU A 285 -30.03 5.18 6.14
CA GLU A 285 -29.06 5.66 7.13
C GLU A 285 -29.03 4.68 8.27
N VAL A 286 -27.85 4.27 8.72
CA VAL A 286 -27.78 3.49 9.95
C VAL A 286 -27.36 4.42 11.07
N VAL A 287 -28.24 4.52 12.07
CA VAL A 287 -28.07 5.41 13.22
C VAL A 287 -26.69 5.23 13.86
N GLN A 288 -26.07 6.34 14.25
CA GLN A 288 -24.73 6.33 14.78
C GLN A 288 -24.68 7.45 15.80
N HIS A 289 -23.91 7.27 16.89
CA HIS A 289 -23.75 8.33 17.88
C HIS A 289 -23.27 9.57 17.21
N ASP A 290 -22.27 9.43 16.35
CA ASP A 290 -21.77 10.54 15.53
C ASP A 290 -22.67 10.82 14.31
N PRO A 291 -23.14 12.08 14.17
CA PRO A 291 -24.12 12.40 13.11
C PRO A 291 -23.52 12.47 11.69
N ALA A 292 -22.19 12.41 11.58
CA ALA A 292 -21.50 12.38 10.30
C ALA A 292 -20.91 11.00 9.93
N ARG A 293 -21.49 9.92 10.47
CA ARG A 293 -20.83 8.60 10.38
C ARG A 293 -21.35 7.56 9.42
N GLY A 294 -22.60 7.15 9.51
CA GLY A 294 -22.99 5.93 8.78
C GLY A 294 -22.08 4.72 8.98
N GLY A 295 -22.22 3.72 8.13
CA GLY A 295 -21.43 2.51 8.24
C GLY A 295 -22.27 1.29 7.94
N ALA A 296 -21.62 0.12 7.98
CA ALA A 296 -22.26 -1.14 7.64
C ALA A 296 -23.43 -1.45 8.56
N GLY A 297 -24.55 -1.86 7.99
CA GLY A 297 -25.71 -2.21 8.79
C GLY A 297 -25.57 -3.61 9.35
N TYR A 298 -25.76 -3.74 10.66
CA TYR A 298 -25.81 -5.04 11.32
C TYR A 298 -27.26 -5.37 11.64
N TRP A 299 -27.58 -6.63 11.93
CA TRP A 299 -28.94 -7.01 12.34
C TRP A 299 -29.39 -6.24 13.54
N ASN A 300 -28.51 -6.11 14.53
CA ASN A 300 -28.78 -5.34 15.74
C ASN A 300 -28.55 -3.83 15.56
N SER A 301 -28.59 -3.35 14.31
CA SER A 301 -28.43 -1.92 14.04
C SER A 301 -29.78 -1.25 14.06
N LEU A 302 -29.76 0.07 14.19
CA LEU A 302 -30.94 0.92 14.05
C LEU A 302 -30.87 1.68 12.72
N PHE A 303 -31.99 1.81 12.03
CA PHE A 303 -31.99 2.39 10.68
C PHE A 303 -32.97 3.53 10.50
N ARG A 304 -32.68 4.39 9.53
CA ARG A 304 -33.59 5.41 9.03
C ARG A 304 -33.67 5.28 7.52
N PHE A 305 -34.78 5.72 6.94
CA PHE A 305 -34.93 5.70 5.49
C PHE A 305 -35.34 7.07 5.00
N LYS A 306 -34.40 7.77 4.38
CA LYS A 306 -34.65 9.09 3.84
C LYS A 306 -35.13 8.92 2.42
N HIS A 307 -36.35 9.38 2.14
CA HIS A 307 -36.90 9.42 0.80
C HIS A 307 -36.00 10.24 -0.07
N LEU A 308 -35.53 9.64 -1.17
CA LEU A 308 -34.51 10.29 -1.98
C LEU A 308 -35.03 11.50 -2.75
N ALA A 309 -36.23 11.41 -3.31
CA ALA A 309 -36.75 12.50 -4.16
C ALA A 309 -37.08 13.80 -3.41
N THR A 310 -37.41 13.70 -2.12
CA THR A 310 -37.87 14.86 -1.33
C THR A 310 -36.99 15.21 -0.12
N GLY A 311 -36.25 14.24 0.39
CA GLY A 311 -35.39 14.44 1.54
C GLY A 311 -36.14 14.26 2.84
N HIS A 312 -37.43 13.87 2.72
CA HIS A 312 -38.28 13.54 3.84
C HIS A 312 -37.95 12.18 4.40
N TYR A 313 -38.32 11.93 5.65
CA TYR A 313 -37.99 10.68 6.32
C TYR A 313 -39.22 9.85 6.57
N LEU A 314 -39.09 8.53 6.41
CA LEU A 314 -40.14 7.58 6.74
C LEU A 314 -40.36 7.51 8.26
N ALA A 315 -41.62 7.45 8.67
CA ALA A 315 -41.96 7.45 10.10
C ALA A 315 -43.33 6.84 10.36
N ALA A 316 -43.67 6.66 11.63
CA ALA A 316 -45.01 6.23 12.02
C ALA A 316 -45.63 7.21 13.01
N GLU A 317 -46.87 7.63 12.76
CA GLU A 317 -47.59 8.54 13.66
C GLU A 317 -49.07 8.17 13.76
N VAL A 318 -49.72 8.56 14.87
CA VAL A 318 -51.12 8.21 15.12
C VAL A 318 -52.09 8.65 14.00
N ASP A 319 -53.17 7.89 13.84
CA ASP A 319 -54.11 8.09 12.73
C ASP A 319 -55.35 8.89 13.15
N VAL A 352 -54.07 1.71 13.94
CA VAL A 352 -53.65 2.58 15.04
C VAL A 352 -52.60 3.58 14.56
N TYR A 353 -51.40 3.08 14.24
CA TYR A 353 -50.35 3.91 13.65
C TYR A 353 -50.31 3.68 12.14
N SER A 354 -50.01 4.73 11.40
CA SER A 354 -49.77 4.61 9.96
C SER A 354 -48.40 5.18 9.58
N LEU A 355 -47.81 4.59 8.54
CA LEU A 355 -46.56 5.09 7.96
C LEU A 355 -46.81 6.44 7.30
N VAL A 356 -45.97 7.41 7.64
CA VAL A 356 -46.06 8.77 7.08
C VAL A 356 -44.69 9.32 6.69
N SER A 357 -44.68 10.55 6.20
CA SER A 357 -43.48 11.22 5.76
C SER A 357 -43.26 12.49 6.58
N VAL A 358 -42.29 12.43 7.50
CA VAL A 358 -41.87 13.59 8.26
C VAL A 358 -40.79 14.38 7.49
N PRO A 359 -40.71 15.70 7.72
CA PRO A 359 -39.75 16.50 6.98
C PRO A 359 -38.28 16.35 7.43
N GLU A 360 -38.04 15.79 8.62
CA GLU A 360 -36.69 15.72 9.21
C GLU A 360 -36.38 14.40 9.90
N GLY A 361 -35.09 14.08 9.99
CA GLY A 361 -34.63 12.79 10.53
C GLY A 361 -33.86 12.85 11.86
N ASN A 362 -34.35 13.65 12.79
CA ASN A 362 -33.75 13.79 14.10
C ASN A 362 -34.63 13.24 15.21
N ASP A 363 -35.85 12.85 14.86
CA ASP A 363 -36.75 12.30 15.86
C ASP A 363 -36.61 10.78 16.01
N ILE A 364 -37.10 10.26 17.14
CA ILE A 364 -37.05 8.84 17.45
C ILE A 364 -38.10 8.11 16.60
N SER A 365 -39.18 8.82 16.27
CA SER A 365 -40.28 8.24 15.50
C SER A 365 -39.93 7.84 14.06
N SER A 366 -38.73 8.18 13.60
CA SER A 366 -38.28 7.79 12.27
C SER A 366 -37.32 6.59 12.24
N ILE A 367 -37.11 5.95 13.39
CA ILE A 367 -36.15 4.86 13.53
C ILE A 367 -36.79 3.46 13.50
N PHE A 368 -36.24 2.61 12.63
CA PHE A 368 -36.74 1.25 12.45
C PHE A 368 -35.65 0.24 12.73
N GLU A 369 -36.08 -0.90 13.26
CA GLU A 369 -35.23 -2.06 13.44
C GLU A 369 -35.50 -3.01 12.29
N LEU A 370 -34.47 -3.73 11.84
CA LEU A 370 -34.64 -4.75 10.82
C LEU A 370 -34.68 -6.13 11.45
N ASP A 371 -35.62 -6.93 10.99
CA ASP A 371 -35.84 -8.25 11.54
C ASP A 371 -35.72 -9.28 10.42
N PRO A 372 -34.76 -10.23 10.55
CA PRO A 372 -34.52 -11.22 9.49
C PRO A 372 -35.61 -12.28 9.45
N THR A 373 -35.78 -12.89 8.27
CA THR A 373 -36.83 -13.90 8.09
C THR A 373 -36.25 -15.33 8.19
N THR A 374 -34.92 -15.42 8.16
CA THR A 374 -34.16 -16.65 8.39
C THR A 374 -33.04 -16.40 9.40
N LEU A 375 -32.27 -17.43 9.75
CA LEU A 375 -31.12 -17.25 10.64
C LEU A 375 -29.90 -18.04 10.14
N ARG A 376 -28.74 -17.39 10.18
CA ARG A 376 -27.48 -17.98 9.68
C ARG A 376 -26.44 -18.18 10.80
N GLY A 377 -25.42 -18.98 10.51
CA GLY A 377 -24.35 -19.22 11.46
C GLY A 377 -23.05 -18.54 11.03
N GLY A 378 -23.17 -17.28 10.60
CA GLY A 378 -22.03 -16.47 10.20
C GLY A 378 -21.87 -15.25 11.10
N ASP A 379 -21.82 -14.06 10.50
CA ASP A 379 -21.66 -12.82 11.27
C ASP A 379 -22.94 -11.97 11.35
N SER A 380 -22.84 -10.80 11.98
CA SER A 380 -23.98 -9.97 12.31
C SER A 380 -24.39 -9.03 11.17
N LEU A 381 -23.62 -9.05 10.07
CA LEU A 381 -23.82 -8.13 8.95
C LEU A 381 -25.07 -8.42 8.13
N VAL A 382 -25.81 -7.38 7.75
CA VAL A 382 -26.98 -7.52 6.88
C VAL A 382 -26.55 -7.60 5.41
N PRO A 383 -26.85 -8.73 4.76
CA PRO A 383 -26.52 -8.89 3.34
C PRO A 383 -27.41 -8.01 2.48
N ARG A 384 -26.92 -7.64 1.31
CA ARG A 384 -27.76 -6.99 0.31
C ARG A 384 -28.90 -7.94 -0.09
N ASN A 385 -29.97 -7.40 -0.67
CA ASN A 385 -31.09 -8.24 -1.10
C ASN A 385 -31.74 -9.04 0.03
N SER A 386 -31.63 -8.54 1.25
CA SER A 386 -32.24 -9.20 2.39
C SER A 386 -33.74 -9.02 2.41
N TYR A 387 -34.44 -10.08 2.81
CA TYR A 387 -35.87 -10.05 3.10
C TYR A 387 -36.02 -9.78 4.57
N VAL A 388 -36.68 -8.68 4.91
CA VAL A 388 -36.78 -8.28 6.29
C VAL A 388 -38.20 -7.87 6.63
N ARG A 389 -38.54 -7.90 7.92
CA ARG A 389 -39.69 -7.10 8.35
C ARG A 389 -39.22 -5.93 9.19
N LEU A 390 -40.09 -4.93 9.30
CA LEU A 390 -39.73 -3.64 9.87
C LEU A 390 -40.39 -3.45 11.23
N ARG A 391 -39.59 -3.10 12.24
CA ARG A 391 -40.15 -2.79 13.55
C ARG A 391 -39.89 -1.33 13.88
N HIS A 392 -40.99 -0.61 14.12
CA HIS A 392 -40.92 0.81 14.43
C HIS A 392 -40.52 0.98 15.86
N LEU A 393 -39.27 1.40 16.07
CA LEU A 393 -38.66 1.35 17.40
C LEU A 393 -39.41 2.12 18.49
N ALA A 394 -40.08 3.22 18.13
CA ALA A 394 -40.71 4.08 19.13
C ALA A 394 -42.02 3.52 19.66
N THR A 395 -42.71 2.75 18.84
CA THR A 395 -44.04 2.25 19.20
C THR A 395 -44.11 0.75 19.43
N ASN A 396 -43.00 0.04 19.18
CA ASN A 396 -42.95 -1.43 19.25
C ASN A 396 -44.04 -2.08 18.38
N THR A 397 -44.07 -1.66 17.12
CA THR A 397 -45.04 -2.15 16.14
C THR A 397 -44.38 -2.56 14.82
N TRP A 398 -45.08 -3.38 14.06
CA TRP A 398 -44.55 -4.01 12.85
C TRP A 398 -45.28 -3.52 11.63
N VAL A 399 -44.52 -3.09 10.63
CA VAL A 399 -45.08 -2.53 9.38
C VAL A 399 -45.94 -3.55 8.64
N HIS A 400 -47.14 -3.11 8.29
CA HIS A 400 -48.22 -3.98 7.82
C HIS A 400 -48.84 -3.34 6.61
N SER A 401 -49.21 -4.14 5.62
CA SER A 401 -49.93 -3.60 4.46
C SER A 401 -51.43 -3.56 4.73
N THR A 402 -52.14 -2.64 4.10
CA THR A 402 -53.60 -2.57 4.22
C THR A 402 -54.27 -2.54 2.84
N ASN A 403 -55.60 -2.46 2.84
CA ASN A 403 -56.37 -2.33 1.61
C ASN A 403 -57.18 -1.04 1.59
N ILE A 404 -56.79 -0.10 2.45
CA ILE A 404 -57.45 1.19 2.54
C ILE A 404 -56.73 2.18 1.62
N PRO A 405 -57.44 2.64 0.57
CA PRO A 405 -56.88 3.65 -0.32
C PRO A 405 -56.74 5.00 0.35
N ILE A 406 -55.81 5.80 -0.14
CA ILE A 406 -55.66 7.18 0.29
C ILE A 406 -56.58 8.06 -0.55
N ASP A 407 -56.47 7.93 -1.87
CA ASP A 407 -57.35 8.66 -2.80
C ASP A 407 -58.77 8.09 -2.82
N LYS A 408 -59.60 8.53 -1.86
CA LYS A 408 -60.96 8.02 -1.67
C LYS A 408 -61.88 8.28 -2.87
N GLU A 409 -62.09 9.55 -3.19
CA GLU A 409 -63.03 9.94 -4.25
C GLU A 409 -62.50 9.57 -5.65
N GLU A 410 -61.18 9.50 -5.79
CA GLU A 410 -60.53 9.17 -7.06
C GLU A 410 -60.73 7.70 -7.47
N GLU A 411 -61.64 7.47 -8.40
CA GLU A 411 -61.90 6.16 -9.01
C GLU A 411 -60.60 5.59 -9.59
N LYS A 412 -60.40 4.29 -9.41
CA LYS A 412 -59.12 3.61 -9.69
C LYS A 412 -58.00 4.17 -8.79
N PRO A 413 -58.05 3.84 -7.48
CA PRO A 413 -57.04 4.34 -6.54
C PRO A 413 -55.73 3.55 -6.62
N VAL A 414 -54.61 4.26 -6.75
CA VAL A 414 -53.29 3.60 -6.81
C VAL A 414 -52.50 3.74 -5.51
N MET A 415 -53.09 4.39 -4.52
CA MET A 415 -52.40 4.69 -3.26
C MET A 415 -52.95 3.91 -2.08
N LEU A 416 -52.26 2.85 -1.69
CA LEU A 416 -52.69 2.04 -0.55
C LEU A 416 -51.91 2.37 0.72
N LYS A 417 -52.65 2.56 1.80
CA LYS A 417 -52.12 2.82 3.14
C LYS A 417 -51.26 1.67 3.66
N ILE A 418 -50.11 2.03 4.22
CA ILE A 418 -49.29 1.09 4.95
C ILE A 418 -49.35 1.54 6.40
N GLY A 419 -49.74 0.64 7.30
CA GLY A 419 -49.78 0.94 8.72
C GLY A 419 -48.80 0.10 9.52
N THR A 420 -48.93 0.16 10.84
CA THR A 420 -48.21 -0.76 11.73
C THR A 420 -49.18 -1.47 12.69
N SER A 421 -48.79 -2.66 13.14
CA SER A 421 -49.59 -3.43 14.09
C SER A 421 -48.81 -3.70 15.39
N PRO A 422 -49.52 -3.73 16.54
CA PRO A 422 -48.82 -4.13 17.75
C PRO A 422 -48.57 -5.63 17.74
N LEU A 423 -49.44 -6.35 17.06
CA LEU A 423 -49.40 -7.80 17.00
C LEU A 423 -48.25 -8.29 16.11
N LYS A 424 -47.58 -9.33 16.60
CA LYS A 424 -46.43 -9.93 15.94
C LYS A 424 -46.76 -10.58 14.60
N GLU A 425 -47.76 -11.47 14.61
CA GLU A 425 -48.23 -12.24 13.44
C GLU A 425 -48.79 -11.38 12.30
N GLU A 428 -45.71 -8.08 7.31
CA GLU A 428 -44.92 -8.99 6.49
C GLU A 428 -43.54 -8.46 6.12
N ALA A 429 -42.90 -9.16 5.19
CA ALA A 429 -41.53 -8.90 4.80
C ALA A 429 -41.42 -7.92 3.64
N PHE A 430 -40.27 -7.27 3.55
CA PHE A 430 -39.89 -6.44 2.43
C PHE A 430 -38.57 -6.94 1.88
N ALA A 431 -38.42 -6.90 0.56
CA ALA A 431 -37.12 -7.07 -0.06
C ALA A 431 -36.45 -5.71 -0.05
N ILE A 432 -35.17 -5.69 0.34
CA ILE A 432 -34.37 -4.47 0.29
C ILE A 432 -33.61 -4.50 -1.02
N VAL A 433 -34.29 -4.13 -2.10
CA VAL A 433 -33.75 -4.20 -3.46
C VAL A 433 -32.69 -3.12 -3.70
N PRO A 434 -31.43 -3.52 -3.92
CA PRO A 434 -30.36 -2.53 -4.08
C PRO A 434 -30.42 -1.76 -5.41
N VAL A 435 -30.07 -0.48 -5.36
CA VAL A 435 -30.04 0.40 -6.55
C VAL A 435 -28.61 0.85 -6.79
N SER A 436 -28.10 0.67 -8.01
CA SER A 436 -26.69 1.00 -8.29
C SER A 436 -26.36 2.50 -8.31
N PRO A 437 -25.15 2.85 -7.84
CA PRO A 437 -24.62 4.22 -7.93
C PRO A 437 -24.74 4.89 -9.32
N ALA A 438 -24.55 4.12 -10.40
CA ALA A 438 -24.70 4.64 -11.76
C ALA A 438 -26.14 5.09 -12.00
N GLU A 439 -27.05 4.23 -11.59
CA GLU A 439 -28.49 4.45 -11.69
C GLU A 439 -28.92 5.71 -10.91
N VAL A 440 -28.33 5.91 -9.75
CA VAL A 440 -28.59 7.10 -8.94
C VAL A 440 -27.97 8.34 -9.59
N ARG A 441 -26.74 8.22 -10.11
CA ARG A 441 -26.09 9.33 -10.83
C ARG A 441 -26.91 9.77 -12.02
N ASP A 442 -27.34 8.79 -12.81
CA ASP A 442 -28.24 9.02 -13.91
C ASP A 442 -29.43 9.88 -13.48
N LEU A 443 -30.11 9.49 -12.40
CA LEU A 443 -31.22 10.26 -11.84
C LEU A 443 -30.80 11.67 -11.42
N ASP A 444 -29.65 11.79 -10.75
CA ASP A 444 -29.16 13.09 -10.27
C ASP A 444 -28.82 14.02 -11.44
N PHE A 445 -28.25 13.44 -12.50
CA PHE A 445 -27.89 14.22 -13.67
C PHE A 445 -29.16 14.73 -14.33
N ALA A 446 -30.10 13.82 -14.57
CA ALA A 446 -31.38 14.19 -15.15
C ALA A 446 -32.04 15.29 -14.32
N ASN A 447 -32.06 15.15 -13.00
CA ASN A 447 -32.64 16.17 -12.14
C ASN A 447 -31.97 17.55 -12.22
N ASP A 448 -30.64 17.56 -12.27
CA ASP A 448 -29.88 18.78 -12.37
C ASP A 448 -30.02 19.42 -13.74
N ALA A 449 -29.94 18.60 -14.77
CA ALA A 449 -30.17 19.07 -16.13
C ALA A 449 -31.55 19.71 -16.24
N SER A 450 -32.51 19.17 -15.48
CA SER A 450 -33.88 19.70 -15.44
C SER A 450 -33.95 21.09 -14.80
N LYS A 451 -33.17 21.29 -13.74
CA LYS A 451 -33.12 22.58 -13.06
C LYS A 451 -32.54 23.70 -13.93
N VAL A 452 -31.45 23.39 -14.64
CA VAL A 452 -30.78 24.36 -15.50
C VAL A 452 -31.71 24.91 -16.58
N LEU A 453 -32.33 23.99 -17.34
CA LEU A 453 -33.27 24.37 -18.40
C LEU A 453 -34.45 25.13 -17.82
N GLY A 454 -34.94 24.70 -16.65
CA GLY A 454 -35.98 25.43 -15.91
C GLY A 454 -35.58 26.87 -15.61
N SER A 455 -34.42 27.03 -14.98
CA SER A 455 -33.86 28.33 -14.67
C SER A 455 -33.69 29.19 -15.92
N ILE A 456 -33.10 28.61 -16.96
CA ILE A 456 -32.78 29.36 -18.17
C ILE A 456 -34.02 29.72 -18.99
N ALA A 457 -35.04 28.86 -18.98
CA ALA A 457 -36.33 29.19 -19.62
C ALA A 457 -36.98 30.40 -18.94
N GLY A 458 -36.82 30.50 -17.61
CA GLY A 458 -37.29 31.65 -16.84
C GLY A 458 -36.60 32.93 -17.25
N LYS A 459 -35.27 32.88 -17.30
CA LYS A 459 -34.45 34.03 -17.71
C LYS A 459 -34.54 34.31 -19.22
N LEU A 460 -34.91 33.30 -20.00
CA LEU A 460 -35.13 33.46 -21.44
C LEU A 460 -36.45 34.15 -21.70
N GLU A 461 -37.45 33.87 -20.86
CA GLU A 461 -38.77 34.51 -20.96
C GLU A 461 -38.71 35.99 -20.55
N LYS A 462 -37.78 36.33 -19.66
CA LYS A 462 -37.56 37.73 -19.23
C LYS A 462 -36.96 38.58 -20.35
N GLY A 463 -36.08 37.97 -21.14
CA GLY A 463 -35.47 38.66 -22.28
C GLY A 463 -34.15 38.07 -22.72
N THR A 464 -33.13 38.93 -22.79
CA THR A 464 -31.81 38.56 -23.31
C THR A 464 -31.11 37.49 -22.47
N ILE A 465 -30.20 36.78 -23.12
CA ILE A 465 -29.44 35.69 -22.48
C ILE A 465 -27.94 36.04 -22.40
N THR A 466 -27.36 35.88 -21.22
CA THR A 466 -25.94 36.21 -21.00
C THR A 466 -25.01 35.18 -21.66
N GLN A 467 -23.78 35.62 -21.95
CA GLN A 467 -22.81 34.82 -22.70
C GLN A 467 -22.32 33.60 -21.92
N ASN A 468 -21.82 33.83 -20.70
CA ASN A 468 -21.38 32.74 -19.82
C ASN A 468 -22.56 31.87 -19.35
N GLU A 469 -23.75 32.22 -19.83
CA GLU A 469 -24.99 31.52 -19.51
C GLU A 469 -25.51 30.80 -20.75
N ARG A 470 -25.32 31.42 -21.92
CA ARG A 470 -25.69 30.83 -23.20
C ARG A 470 -24.82 29.61 -23.53
N ARG A 471 -23.57 29.64 -23.07
CA ARG A 471 -22.64 28.53 -23.24
C ARG A 471 -23.04 27.35 -22.36
N SER A 472 -23.54 27.65 -21.17
CA SER A 472 -24.00 26.65 -20.21
C SER A 472 -25.16 25.84 -20.76
N VAL A 473 -26.11 26.53 -21.40
CA VAL A 473 -27.32 25.89 -21.92
C VAL A 473 -27.06 25.05 -23.17
N THR A 474 -25.99 25.37 -23.89
CA THR A 474 -25.66 24.69 -25.14
C THR A 474 -24.89 23.40 -24.89
N LYS A 475 -23.89 23.47 -24.00
CA LYS A 475 -23.08 22.30 -23.66
C LYS A 475 -23.93 21.21 -23.05
N LEU A 476 -24.86 21.60 -22.18
CA LEU A 476 -25.80 20.66 -21.55
C LEU A 476 -26.54 19.82 -22.59
N LEU A 477 -26.97 20.46 -23.68
CA LEU A 477 -27.70 19.75 -24.74
C LEU A 477 -26.80 18.75 -25.48
N GLU A 478 -25.54 19.11 -25.69
CA GLU A 478 -24.54 18.20 -26.24
C GLU A 478 -24.29 17.06 -25.25
N ASP A 479 -24.26 17.40 -23.96
CA ASP A 479 -24.12 16.40 -22.93
C ASP A 479 -25.38 15.51 -22.85
N LEU A 480 -26.54 16.10 -23.08
CA LEU A 480 -27.80 15.35 -23.05
C LEU A 480 -27.89 14.34 -24.19
N VAL A 481 -27.44 14.75 -25.38
CA VAL A 481 -27.34 13.85 -26.53
C VAL A 481 -26.41 12.69 -26.19
N TYR A 482 -25.26 13.03 -25.63
CA TYR A 482 -24.25 12.05 -25.21
C TYR A 482 -24.80 11.16 -24.09
N PHE A 483 -25.70 11.72 -23.27
CA PHE A 483 -26.37 11.01 -22.18
C PHE A 483 -27.36 9.97 -22.70
N VAL A 484 -28.32 10.43 -23.51
CA VAL A 484 -29.40 9.57 -24.00
C VAL A 484 -28.89 8.47 -24.98
N THR A 485 -27.59 8.46 -25.24
CA THR A 485 -26.93 7.41 -26.04
C THR A 485 -25.64 6.92 -25.39
N LYS A 501 -28.95 2.59 -32.19
CA LYS A 501 -29.35 1.91 -30.96
C LYS A 501 -29.09 2.76 -29.73
N PRO A 502 -30.15 3.42 -29.19
CA PRO A 502 -30.11 4.26 -27.99
C PRO A 502 -30.60 3.56 -26.72
N ASN A 503 -30.47 4.25 -25.59
CA ASN A 503 -30.76 3.66 -24.27
C ASN A 503 -32.18 3.88 -23.77
N ARG A 504 -32.89 2.78 -23.52
CA ARG A 504 -34.27 2.79 -23.04
C ARG A 504 -34.44 3.44 -21.66
N GLU A 505 -33.72 2.92 -20.66
CA GLU A 505 -33.87 3.39 -19.28
C GLU A 505 -33.54 4.88 -19.11
N ARG A 506 -32.69 5.42 -19.99
CA ARG A 506 -32.39 6.85 -19.98
C ARG A 506 -33.43 7.69 -20.72
N GLN A 507 -34.03 7.13 -21.76
CA GLN A 507 -35.14 7.79 -22.45
C GLN A 507 -36.29 8.07 -21.50
N LYS A 508 -36.51 7.15 -20.55
CA LYS A 508 -37.54 7.30 -19.52
C LYS A 508 -37.22 8.52 -18.66
N LEU A 509 -35.97 8.60 -18.21
CA LEU A 509 -35.51 9.72 -17.39
C LEU A 509 -35.71 11.07 -18.08
N MET A 510 -35.53 11.11 -19.39
CA MET A 510 -35.79 12.31 -20.18
C MET A 510 -37.17 12.86 -19.88
N ARG A 511 -38.17 11.98 -19.89
CA ARG A 511 -39.56 12.36 -19.68
C ARG A 511 -39.85 12.51 -18.18
N GLU A 512 -39.61 11.43 -17.44
CA GLU A 512 -39.99 11.34 -16.04
C GLU A 512 -39.44 12.48 -15.18
N GLN A 513 -38.17 12.83 -15.40
CA GLN A 513 -37.52 13.89 -14.61
C GLN A 513 -37.69 15.27 -15.23
N ASN A 514 -38.67 15.39 -16.13
CA ASN A 514 -39.07 16.67 -16.73
C ASN A 514 -38.02 17.41 -17.57
N ILE A 515 -37.08 16.68 -18.16
CA ILE A 515 -36.16 17.26 -19.14
C ILE A 515 -36.99 17.74 -20.32
N LEU A 516 -37.80 16.83 -20.85
CA LEU A 516 -38.59 17.08 -22.04
C LEU A 516 -39.55 18.26 -21.86
N LYS A 517 -40.30 18.25 -20.76
CA LYS A 517 -41.22 19.36 -20.44
C LYS A 517 -40.47 20.70 -20.36
N GLN A 518 -39.22 20.66 -19.90
CA GLN A 518 -38.38 21.86 -19.82
C GLN A 518 -37.80 22.30 -21.17
N ILE A 519 -37.48 21.34 -22.04
CA ILE A 519 -37.04 21.66 -23.40
C ILE A 519 -38.13 22.50 -24.07
N PHE A 520 -39.35 21.96 -24.11
CA PHE A 520 -40.50 22.66 -24.68
C PHE A 520 -40.71 24.04 -24.07
N LYS A 521 -40.49 24.16 -22.75
CA LYS A 521 -40.60 25.44 -22.06
C LYS A 521 -39.59 26.43 -22.63
N LEU A 522 -38.34 25.98 -22.79
CA LEU A 522 -37.25 26.82 -23.28
C LEU A 522 -37.47 27.36 -24.69
N LEU A 523 -38.05 26.54 -25.58
CA LEU A 523 -38.32 26.95 -26.96
C LEU A 523 -38.97 28.32 -27.12
N GLN A 524 -39.68 28.77 -26.08
CA GLN A 524 -40.30 30.11 -26.07
C GLN A 524 -39.60 31.04 -25.08
N HIS A 551 -27.10 26.54 -33.07
CA HIS A 551 -28.10 27.20 -32.26
C HIS A 551 -28.65 26.26 -31.21
N ILE A 552 -29.29 26.84 -30.19
CA ILE A 552 -29.93 26.09 -29.11
C ILE A 552 -31.10 25.28 -29.66
N ALA A 553 -31.90 25.90 -30.52
CA ALA A 553 -33.09 25.28 -31.10
C ALA A 553 -32.79 23.95 -31.80
N ARG A 554 -31.82 23.96 -32.72
CA ARG A 554 -31.40 22.76 -33.44
C ARG A 554 -31.00 21.65 -32.48
N LEU A 555 -30.12 21.98 -31.53
CA LEU A 555 -29.68 21.04 -30.50
C LEU A 555 -30.84 20.48 -29.68
N ALA A 556 -31.81 21.33 -29.35
CA ALA A 556 -32.99 20.93 -28.58
C ALA A 556 -33.76 19.81 -29.28
N TYR A 557 -34.05 19.99 -30.57
CA TYR A 557 -34.77 18.99 -31.35
C TYR A 557 -33.99 17.68 -31.46
N ARG A 558 -32.66 17.78 -31.55
CA ARG A 558 -31.79 16.60 -31.62
C ARG A 558 -31.95 15.70 -30.39
N VAL A 559 -32.09 16.33 -29.22
CA VAL A 559 -32.44 15.61 -27.98
C VAL A 559 -33.80 14.92 -28.16
N LEU A 560 -34.82 15.72 -28.48
CA LEU A 560 -36.18 15.21 -28.68
C LEU A 560 -36.25 14.02 -29.63
N ARG A 561 -35.48 14.07 -30.72
CA ARG A 561 -35.45 12.97 -31.69
C ARG A 561 -34.87 11.70 -31.07
N HIS A 562 -33.72 11.82 -30.44
CA HIS A 562 -33.08 10.68 -29.76
C HIS A 562 -33.86 10.20 -28.56
N SER A 563 -34.66 11.10 -27.97
CA SER A 563 -35.46 10.79 -26.80
C SER A 563 -36.66 9.90 -27.11
N GLN A 564 -36.97 9.76 -28.40
CA GLN A 564 -38.15 9.00 -28.84
C GLN A 564 -37.82 7.92 -29.87
N GLN A 565 -36.52 7.71 -30.12
CA GLN A 565 -36.07 6.68 -31.06
C GLN A 565 -36.44 5.29 -30.55
N ASP A 566 -37.35 4.63 -31.27
CA ASP A 566 -37.91 3.31 -30.93
C ASP A 566 -38.72 3.27 -29.62
N TYR A 567 -38.92 4.43 -28.99
CA TYR A 567 -39.80 4.53 -27.82
C TYR A 567 -41.13 5.19 -28.18
N ARG A 568 -42.20 4.40 -28.13
CA ARG A 568 -43.53 4.88 -28.51
C ARG A 568 -44.22 5.72 -27.45
N LYS A 569 -43.96 5.42 -26.17
CA LYS A 569 -44.56 6.19 -25.07
C LYS A 569 -44.02 7.62 -25.01
N ASN A 570 -42.74 7.77 -25.36
CA ASN A 570 -42.10 9.09 -25.48
C ASN A 570 -42.56 9.80 -26.74
N GLN A 571 -42.84 9.03 -27.79
CA GLN A 571 -43.40 9.58 -29.01
C GLN A 571 -44.77 10.19 -28.71
N GLU A 572 -45.61 9.43 -28.01
CA GLU A 572 -46.97 9.84 -27.66
C GLU A 572 -47.01 11.01 -26.67
N TYR A 573 -45.94 11.14 -25.87
CA TYR A 573 -45.81 12.24 -24.92
C TYR A 573 -45.40 13.54 -25.62
N ILE A 574 -44.34 13.46 -26.42
CA ILE A 574 -43.79 14.61 -27.14
C ILE A 574 -44.82 15.32 -28.01
N ALA A 575 -45.69 14.54 -28.67
CA ALA A 575 -46.73 15.10 -29.52
C ALA A 575 -47.80 15.86 -28.73
N LYS A 576 -48.13 15.37 -27.53
CA LYS A 576 -49.21 15.93 -26.74
C LYS A 576 -48.80 17.19 -25.96
N GLN A 577 -48.40 18.23 -26.69
CA GLN A 577 -47.99 19.50 -26.09
C GLN A 577 -48.80 20.70 -26.60
N SER B 7 6.95 -5.75 -16.15
CA SER B 7 7.53 -6.09 -14.82
C SER B 7 7.96 -4.83 -14.10
N PHE B 8 7.28 -4.54 -13.00
CA PHE B 8 7.52 -3.30 -12.27
C PHE B 8 8.24 -3.55 -10.95
N LEU B 9 8.67 -2.47 -10.29
CA LEU B 9 9.31 -2.56 -8.97
C LEU B 9 8.26 -2.49 -7.86
N HIS B 10 8.35 -3.42 -6.91
CA HIS B 10 7.39 -3.47 -5.80
C HIS B 10 8.04 -3.27 -4.48
N ILE B 11 7.29 -2.66 -3.57
CA ILE B 11 7.62 -2.69 -2.15
C ILE B 11 7.74 -4.16 -1.71
N GLY B 12 8.94 -4.54 -1.31
CA GLY B 12 9.22 -5.91 -0.88
C GLY B 12 10.10 -6.69 -1.83
N ASP B 13 10.34 -6.12 -3.02
CA ASP B 13 11.27 -6.70 -3.98
C ASP B 13 12.70 -6.58 -3.44
N ILE B 14 13.54 -7.57 -3.74
CA ILE B 14 14.96 -7.43 -3.44
C ILE B 14 15.69 -7.11 -4.73
N ALA B 15 16.51 -6.06 -4.69
CA ALA B 15 17.24 -5.57 -5.86
C ALA B 15 18.63 -5.09 -5.51
N SER B 16 19.46 -4.89 -6.54
CA SER B 16 20.77 -4.28 -6.41
C SER B 16 20.77 -2.96 -7.17
N LEU B 17 21.76 -2.10 -6.93
CA LEU B 17 21.73 -0.76 -7.48
C LEU B 17 23.03 -0.37 -8.16
N TYR B 18 23.11 -0.68 -9.46
CA TYR B 18 24.29 -0.45 -10.29
C TYR B 18 24.39 1.02 -10.73
N ALA B 19 25.44 1.70 -10.25
CA ALA B 19 25.67 3.09 -10.62
C ALA B 19 26.24 3.20 -12.03
N GLU B 20 25.90 4.30 -12.70
CA GLU B 20 26.40 4.58 -14.05
C GLU B 20 26.67 6.07 -14.19
N GLY B 21 27.71 6.37 -14.97
CA GLY B 21 28.22 7.73 -15.11
C GLY B 21 29.72 7.68 -15.00
N SER B 22 30.30 8.60 -14.24
CA SER B 22 31.75 8.63 -14.02
C SER B 22 32.30 7.39 -13.30
N THR B 23 31.45 6.73 -12.50
CA THR B 23 31.80 5.46 -11.86
C THR B 23 30.71 4.41 -12.09
N ASN B 24 31.14 3.22 -12.52
CA ASN B 24 30.24 2.10 -12.84
C ASN B 24 30.34 0.99 -11.80
N GLY B 25 29.26 0.73 -11.07
CA GLY B 25 29.23 -0.41 -10.15
C GLY B 25 28.08 -0.53 -9.17
N PHE B 26 27.95 -1.71 -8.58
CA PHE B 26 26.94 -2.01 -7.55
C PHE B 26 27.26 -1.33 -6.22
N ILE B 27 26.24 -0.91 -5.46
CA ILE B 27 26.45 -0.49 -4.07
C ILE B 27 26.64 -1.71 -3.19
N SER B 28 27.67 -1.66 -2.34
CA SER B 28 27.92 -2.70 -1.36
C SER B 28 28.48 -2.04 -0.09
N THR B 29 28.78 -2.84 0.93
CA THR B 29 29.27 -2.32 2.19
C THR B 29 30.55 -3.05 2.59
N LEU B 30 31.25 -2.53 3.61
CA LEU B 30 32.52 -3.10 4.04
C LEU B 30 32.40 -3.96 5.31
N GLY B 31 31.24 -4.57 5.48
CA GLY B 31 31.03 -5.53 6.55
C GLY B 31 29.96 -5.13 7.55
N LEU B 32 29.99 -5.79 8.70
CA LEU B 32 29.07 -5.49 9.79
C LEU B 32 29.63 -4.45 10.75
N VAL B 33 30.95 -4.32 10.80
CA VAL B 33 31.60 -3.37 11.70
C VAL B 33 31.66 -1.96 11.12
N ASP B 34 32.03 -1.86 9.85
CA ASP B 34 32.11 -0.58 9.16
C ASP B 34 30.70 -0.14 8.78
N ASP B 35 30.45 1.17 8.84
CA ASP B 35 29.14 1.68 8.42
C ASP B 35 29.18 2.52 7.14
N ARG B 36 30.34 2.57 6.50
CA ARG B 36 30.46 3.25 5.20
C ARG B 36 29.80 2.42 4.08
N ALA B 37 29.29 3.11 3.07
CA ALA B 37 28.69 2.47 1.90
C ALA B 37 29.47 2.83 0.64
N VAL B 38 29.80 1.82 -0.16
CA VAL B 38 30.74 1.98 -1.27
C VAL B 38 30.31 1.30 -2.56
N VAL B 39 30.93 1.71 -3.66
CA VAL B 39 30.80 1.03 -4.95
C VAL B 39 32.18 0.52 -5.36
N GLN B 40 32.25 -0.76 -5.73
CA GLN B 40 33.51 -1.36 -6.16
C GLN B 40 33.51 -1.55 -7.68
N PRO B 41 33.93 -0.51 -8.42
CA PRO B 41 33.77 -0.46 -9.87
C PRO B 41 34.23 -1.71 -10.63
N GLU B 42 35.21 -2.44 -10.10
CA GLU B 42 35.75 -3.62 -10.79
C GLU B 42 35.50 -4.95 -10.07
N ALA B 43 34.40 -5.03 -9.31
CA ALA B 43 34.00 -6.28 -8.64
C ALA B 43 33.08 -7.13 -9.52
N GLY B 44 32.23 -6.49 -10.31
CA GLY B 44 31.36 -7.17 -11.25
C GLY B 44 30.47 -6.22 -12.02
N ASP B 45 30.21 -6.53 -13.28
CA ASP B 45 29.28 -5.73 -14.08
C ASP B 45 27.91 -6.41 -14.18
N LEU B 46 27.06 -5.92 -15.07
CA LEU B 46 25.70 -6.46 -15.23
C LEU B 46 25.64 -7.89 -15.79
N ASN B 47 26.57 -8.24 -16.68
CA ASN B 47 26.66 -9.59 -17.22
C ASN B 47 27.33 -10.58 -16.26
N ASN B 48 28.09 -10.03 -15.31
CA ASN B 48 28.88 -10.83 -14.37
C ASN B 48 28.91 -10.19 -13.00
N PRO B 49 27.82 -10.33 -12.20
CA PRO B 49 27.75 -9.78 -10.84
C PRO B 49 28.88 -10.28 -9.94
N PRO B 50 29.28 -9.49 -8.92
CA PRO B 50 30.40 -9.86 -8.06
C PRO B 50 30.21 -11.18 -7.32
N LYS B 51 31.32 -11.77 -6.87
CA LYS B 51 31.29 -13.04 -6.15
C LYS B 51 30.55 -12.93 -4.80
N LYS B 52 30.98 -12.00 -3.94
CA LYS B 52 30.32 -11.79 -2.66
C LYS B 52 29.00 -11.02 -2.84
N PHE B 53 28.14 -11.59 -3.68
CA PHE B 53 26.98 -10.90 -4.22
C PHE B 53 25.86 -10.67 -3.21
N ARG B 54 25.87 -11.40 -2.10
CA ARG B 54 24.80 -11.22 -1.11
C ARG B 54 24.87 -9.85 -0.42
N ASP B 55 26.03 -9.19 -0.54
CA ASP B 55 26.28 -7.87 0.02
C ASP B 55 25.67 -6.76 -0.81
N ALA B 56 25.20 -7.08 -2.01
CA ALA B 56 24.68 -6.04 -2.90
C ALA B 56 23.18 -5.82 -2.73
N LEU B 57 22.51 -6.80 -2.12
CA LEU B 57 21.06 -6.85 -2.03
C LEU B 57 20.40 -5.78 -1.15
N PHE B 58 19.46 -5.05 -1.72
CA PHE B 58 18.61 -4.13 -0.96
C PHE B 58 17.13 -4.49 -1.07
N LYS B 59 16.42 -4.34 0.04
CA LYS B 59 14.99 -4.51 0.04
C LYS B 59 14.33 -3.14 -0.07
N LEU B 60 13.43 -3.03 -1.04
CA LEU B 60 12.66 -1.80 -1.22
C LEU B 60 11.60 -1.78 -0.14
N ALA B 61 11.67 -0.77 0.74
CA ALA B 61 10.77 -0.64 1.88
C ALA B 61 10.09 0.71 1.85
N PRO B 62 8.93 0.85 2.54
CA PRO B 62 8.19 2.11 2.57
C PRO B 62 8.83 3.13 3.49
N MET B 63 8.30 4.35 3.49
CA MET B 63 8.74 5.41 4.38
C MET B 63 8.37 5.06 5.84
N ASN B 64 9.39 4.91 6.69
CA ASN B 64 9.17 4.66 8.11
C ASN B 64 8.71 5.90 8.90
N ARG B 65 7.94 5.68 9.96
CA ARG B 65 7.62 6.72 10.94
C ARG B 65 8.78 6.88 11.92
N TYR B 66 9.21 8.12 12.16
CA TYR B 66 10.33 8.36 13.06
C TYR B 66 10.03 9.40 14.14
N SER B 67 8.82 9.94 14.09
CA SER B 67 8.33 10.98 14.99
C SER B 67 8.55 10.65 16.46
N ALA B 68 8.06 9.49 16.89
CA ALA B 68 8.14 9.07 18.29
C ALA B 68 9.57 8.72 18.69
N GLN B 69 10.30 8.13 17.75
CA GLN B 69 11.70 7.74 17.95
C GLN B 69 12.62 8.97 18.02
N LYS B 70 12.57 9.83 17.01
CA LYS B 70 13.35 11.07 17.00
C LYS B 70 13.21 11.82 18.33
N GLN B 71 12.01 11.76 18.91
CA GLN B 71 11.69 12.46 20.15
C GLN B 71 12.23 11.72 21.37
N PHE B 72 12.31 10.40 21.25
CA PHE B 72 12.89 9.59 22.31
C PHE B 72 14.42 9.73 22.30
N TRP B 73 15.00 9.83 21.11
CA TRP B 73 16.44 10.03 20.96
C TRP B 73 16.89 11.37 21.49
N LYS B 74 16.06 12.40 21.30
CA LYS B 74 16.40 13.75 21.76
C LYS B 74 16.36 13.87 23.29
N ALA B 75 15.89 12.81 23.94
CA ALA B 75 15.94 12.68 25.41
C ALA B 75 16.76 11.45 25.82
N ALA B 76 17.83 11.17 25.07
CA ALA B 76 18.73 10.04 25.36
C ALA B 76 19.80 10.41 26.37
N THR B 84 15.66 16.14 32.19
CA THR B 84 14.77 14.98 32.07
C THR B 84 14.66 14.22 33.39
N ASP B 85 13.56 13.48 33.55
CA ASP B 85 13.36 12.57 34.67
C ASP B 85 12.77 11.25 34.15
N ALA B 86 12.73 10.22 35.00
CA ALA B 86 12.26 8.89 34.60
C ALA B 86 10.78 8.85 34.24
N VAL B 87 10.02 9.79 34.79
CA VAL B 87 8.60 10.00 34.44
C VAL B 87 8.44 10.01 32.91
N LEU B 88 9.17 10.93 32.26
CA LEU B 88 9.05 11.18 30.84
C LEU B 88 9.58 10.02 30.00
N LEU B 89 10.76 9.51 30.36
CA LEU B 89 11.41 8.46 29.57
C LEU B 89 10.62 7.15 29.53
N ASN B 90 9.76 6.95 30.53
CA ASN B 90 8.83 5.83 30.56
C ASN B 90 7.80 5.94 29.42
N LYS B 91 7.17 7.11 29.33
CA LYS B 91 6.15 7.39 28.30
C LYS B 91 6.71 7.46 26.87
N LEU B 92 7.86 8.10 26.72
CA LEU B 92 8.49 8.31 25.40
C LEU B 92 8.94 7.01 24.73
N HIS B 93 9.40 6.07 25.53
CA HIS B 93 9.84 4.77 25.03
C HIS B 93 8.72 3.92 24.54
N HIS B 94 7.63 3.87 25.31
CA HIS B 94 6.43 3.14 24.91
C HIS B 94 5.82 3.70 23.65
N ALA B 95 5.95 5.01 23.48
CA ALA B 95 5.50 5.71 22.28
C ALA B 95 6.29 5.26 21.06
N ALA B 96 7.61 5.14 21.22
CA ALA B 96 8.50 4.76 20.13
C ALA B 96 8.42 3.28 19.78
N ASP B 97 8.18 2.43 20.77
CA ASP B 97 7.94 1.00 20.55
C ASP B 97 6.70 0.80 19.70
N LEU B 98 5.59 1.42 20.11
CA LEU B 98 4.34 1.37 19.35
C LEU B 98 4.55 1.81 17.90
N GLU B 99 5.45 2.79 17.69
CA GLU B 99 5.75 3.33 16.36
C GLU B 99 6.64 2.40 15.56
N LYS B 100 7.61 1.78 16.23
CA LYS B 100 8.40 0.72 15.60
C LYS B 100 7.44 -0.37 15.10
N LYS B 101 6.46 -0.73 15.95
CA LYS B 101 5.45 -1.73 15.59
C LYS B 101 4.48 -1.25 14.48
N GLN B 102 4.04 0.00 14.57
CA GLN B 102 3.22 0.60 13.52
C GLN B 102 3.87 0.42 12.15
N ASN B 103 5.16 0.72 12.06
CA ASN B 103 5.94 0.52 10.83
C ASN B 103 5.93 -0.94 10.38
N GLU B 104 6.16 -1.86 11.33
CA GLU B 104 6.13 -3.30 11.02
C GLU B 104 4.77 -3.71 10.46
N THR B 105 3.70 -3.25 11.09
CA THR B 105 2.35 -3.59 10.68
C THR B 105 2.01 -2.98 9.32
N GLU B 106 2.17 -1.67 9.21
CA GLU B 106 1.74 -0.92 8.05
C GLU B 106 2.59 -1.20 6.82
N ASN B 107 3.85 -1.54 7.02
CA ASN B 107 4.73 -1.85 5.91
C ASN B 107 4.52 -3.26 5.37
N ARG B 108 4.03 -4.15 6.25
CA ARG B 108 3.70 -5.51 5.88
C ARG B 108 2.51 -5.50 4.93
N LYS B 109 1.69 -4.46 5.05
CA LYS B 109 0.51 -4.27 4.21
C LYS B 109 0.87 -3.75 2.84
N LEU B 110 1.94 -2.93 2.76
CA LEU B 110 2.35 -2.37 1.48
C LEU B 110 3.13 -3.35 0.62
N LEU B 111 3.39 -4.55 1.14
CA LEU B 111 4.11 -5.60 0.40
C LEU B 111 3.44 -5.92 -0.93
N GLY B 112 4.19 -5.77 -2.01
CA GLY B 112 3.70 -6.12 -3.34
C GLY B 112 2.99 -5.01 -4.08
N THR B 113 2.84 -3.85 -3.43
CA THR B 113 2.31 -2.66 -4.09
C THR B 113 3.37 -2.03 -5.02
N VAL B 114 2.93 -1.36 -6.07
CA VAL B 114 3.85 -0.90 -7.11
C VAL B 114 4.42 0.46 -6.75
N ILE B 115 5.74 0.59 -6.78
CA ILE B 115 6.38 1.86 -6.49
C ILE B 115 6.16 2.82 -7.64
N GLN B 116 5.79 4.06 -7.29
CA GLN B 116 5.63 5.11 -8.27
C GLN B 116 6.70 6.15 -8.11
N TYR B 117 7.10 6.77 -9.21
CA TYR B 117 8.04 7.85 -9.12
C TYR B 117 7.43 8.97 -8.31
N GLY B 118 8.22 9.50 -7.38
CA GLY B 118 7.78 10.49 -6.41
C GLY B 118 7.57 9.87 -5.03
N ASN B 119 7.33 8.56 -5.00
CA ASN B 119 7.12 7.87 -3.73
C ASN B 119 8.37 7.94 -2.89
N VAL B 120 8.20 8.14 -1.59
CA VAL B 120 9.33 8.05 -0.66
C VAL B 120 9.54 6.58 -0.41
N ILE B 121 10.77 6.11 -0.62
CA ILE B 121 11.12 4.73 -0.25
C ILE B 121 12.31 4.68 0.71
N GLN B 122 12.53 3.52 1.29
CA GLN B 122 13.71 3.26 2.08
C GLN B 122 14.46 2.05 1.52
N LEU B 123 15.77 2.01 1.77
CA LEU B 123 16.61 0.96 1.25
C LEU B 123 17.25 0.17 2.41
N LEU B 124 16.77 -1.06 2.56
CA LEU B 124 17.23 -1.94 3.61
C LEU B 124 18.32 -2.84 3.06
N HIS B 125 19.56 -2.57 3.46
CA HIS B 125 20.67 -3.42 3.07
C HIS B 125 20.50 -4.71 3.81
N LEU B 126 20.02 -5.74 3.09
CA LEU B 126 19.74 -7.07 3.63
C LEU B 126 20.83 -7.65 4.51
N LYS B 127 22.06 -7.68 4.01
CA LYS B 127 23.18 -8.32 4.71
C LYS B 127 23.44 -7.82 6.12
N SER B 128 23.37 -6.51 6.31
CA SER B 128 23.61 -5.92 7.64
C SER B 128 22.30 -5.54 8.37
N ASN B 129 21.19 -5.50 7.64
CA ASN B 129 19.90 -5.15 8.21
C ASN B 129 19.81 -3.66 8.55
N LYS B 130 20.67 -2.88 7.90
CA LYS B 130 20.73 -1.46 8.13
C LYS B 130 20.14 -0.72 6.94
N TYR B 131 19.66 0.49 7.19
CA TYR B 131 19.08 1.33 6.18
C TYR B 131 20.16 2.24 5.63
N LEU B 132 20.15 2.43 4.31
CA LEU B 132 20.96 3.45 3.69
C LEU B 132 20.47 4.82 4.18
N THR B 133 21.39 5.62 4.71
CA THR B 133 21.01 6.85 5.40
C THR B 133 21.96 8.00 5.07
N VAL B 134 21.39 9.17 4.75
CA VAL B 134 22.17 10.40 4.53
C VAL B 134 22.15 11.22 5.82
N ASN B 135 23.27 11.86 6.16
CA ASN B 135 23.36 12.60 7.43
C ASN B 135 23.62 14.10 7.27
N LYS B 136 22.53 14.86 7.11
CA LYS B 136 22.56 16.32 6.87
C LYS B 136 23.70 17.09 7.56
N ARG B 137 23.78 16.95 8.88
CA ARG B 137 24.71 17.72 9.70
C ARG B 137 26.19 17.31 9.60
N LEU B 138 26.50 16.26 8.85
CA LEU B 138 27.90 15.79 8.69
C LEU B 138 28.36 15.68 7.24
N PRO B 139 29.59 16.18 6.95
CA PRO B 139 30.17 16.01 5.61
C PRO B 139 30.65 14.59 5.35
N ALA B 140 30.71 14.22 4.06
CA ALA B 140 31.36 12.98 3.62
C ALA B 140 32.80 12.94 4.13
N LEU B 141 33.31 11.74 4.33
CA LEU B 141 34.66 11.55 4.89
C LEU B 141 35.77 11.96 3.92
N LEU B 142 35.53 11.73 2.63
CA LEU B 142 36.52 12.00 1.59
C LEU B 142 36.20 13.26 0.80
N GLU B 143 35.03 13.28 0.16
CA GLU B 143 34.63 14.37 -0.71
C GLU B 143 34.18 15.61 0.09
N LYS B 144 34.90 16.72 -0.11
CA LYS B 144 34.67 17.96 0.63
C LYS B 144 33.22 18.45 0.64
N ASN B 145 32.63 18.62 -0.54
CA ASN B 145 31.36 19.32 -0.69
C ASN B 145 30.10 18.50 -0.44
N ALA B 146 30.26 17.18 -0.37
CA ALA B 146 29.11 16.27 -0.26
C ALA B 146 28.78 15.88 1.18
N MET B 147 27.50 15.56 1.41
CA MET B 147 27.05 15.06 2.70
C MET B 147 27.36 13.56 2.93
N ARG B 148 27.42 13.16 4.20
CA ARG B 148 27.85 11.82 4.59
C ARG B 148 26.73 10.79 4.46
N VAL B 149 27.07 9.62 3.93
CA VAL B 149 26.14 8.51 3.83
C VAL B 149 26.67 7.35 4.65
N THR B 150 25.84 6.84 5.55
CA THR B 150 26.20 5.72 6.39
C THR B 150 25.05 4.73 6.41
N LEU B 151 25.30 3.56 6.98
CA LEU B 151 24.26 2.56 7.17
C LEU B 151 23.81 2.55 8.62
N ASP B 152 22.50 2.78 8.83
CA ASP B 152 21.92 2.88 10.17
C ASP B 152 20.93 1.74 10.39
N GLU B 153 21.05 1.02 11.52
CA GLU B 153 20.11 -0.05 11.84
C GLU B 153 18.66 0.42 11.92
N ALA B 154 18.41 1.42 12.76
CA ALA B 154 17.06 1.94 12.96
C ALA B 154 16.64 2.86 11.83
N GLY B 155 17.61 3.55 11.24
CA GLY B 155 17.36 4.61 10.28
C GLY B 155 16.76 5.85 10.92
N ASN B 156 16.62 6.89 10.12
CA ASN B 156 15.88 8.09 10.51
C ASN B 156 15.31 8.80 9.28
N GLU B 157 15.09 10.11 9.39
CA GLU B 157 14.59 10.86 8.24
C GLU B 157 15.65 10.92 7.13
N GLY B 158 16.90 10.63 7.48
CA GLY B 158 17.97 10.51 6.50
C GLY B 158 17.77 9.28 5.63
N SER B 159 17.01 8.31 6.14
CA SER B 159 16.72 7.07 5.43
C SER B 159 15.67 7.24 4.32
N TRP B 160 15.00 8.38 4.30
CA TRP B 160 13.94 8.63 3.34
C TRP B 160 14.52 9.04 2.02
N PHE B 161 14.04 8.42 0.95
CA PHE B 161 14.46 8.79 -0.41
C PHE B 161 13.27 8.91 -1.35
N TYR B 162 13.19 10.03 -2.06
CA TYR B 162 12.31 10.13 -3.23
C TYR B 162 12.91 9.25 -4.31
N ILE B 163 12.08 8.46 -4.98
CA ILE B 163 12.57 7.74 -6.14
C ILE B 163 12.15 8.50 -7.41
N GLN B 164 13.13 9.07 -8.10
CA GLN B 164 12.88 9.98 -9.22
C GLN B 164 13.51 9.49 -10.51
N PRO B 165 12.86 9.76 -11.66
CA PRO B 165 13.33 9.23 -12.94
C PRO B 165 14.53 9.98 -13.52
N PHE B 166 15.55 9.24 -13.97
CA PHE B 166 16.77 9.86 -14.50
C PHE B 166 16.50 10.53 -15.85
N TYR B 167 15.87 9.79 -16.75
CA TYR B 167 15.54 10.26 -18.10
C TYR B 167 14.08 10.69 -18.19
N LYS B 168 13.76 11.48 -19.22
CA LYS B 168 12.40 11.96 -19.46
C LYS B 168 11.42 10.89 -19.97
N LEU B 169 11.93 9.69 -20.22
CA LEU B 169 11.10 8.57 -20.68
C LEU B 169 9.96 8.27 -19.70
N ARG B 170 10.21 8.44 -18.42
CA ARG B 170 9.14 8.31 -17.44
C ARG B 170 9.00 9.50 -16.49
N SER B 171 7.79 9.68 -15.97
CA SER B 171 7.39 10.90 -15.27
C SER B 171 6.97 10.64 -13.85
N ILE B 172 7.03 11.68 -13.03
CA ILE B 172 6.53 11.63 -11.66
C ILE B 172 5.08 11.13 -11.73
N GLY B 173 4.83 9.97 -11.12
CA GLY B 173 3.51 9.33 -11.15
C GLY B 173 3.49 7.96 -11.80
N ASP B 174 4.49 7.69 -12.64
CA ASP B 174 4.56 6.43 -13.35
C ASP B 174 5.10 5.32 -12.45
N SER B 175 4.82 4.07 -12.80
CA SER B 175 5.43 2.92 -12.13
C SER B 175 6.92 2.84 -12.48
N VAL B 176 7.74 2.49 -11.50
CA VAL B 176 9.14 2.19 -11.77
C VAL B 176 9.28 0.79 -12.36
N VAL B 177 9.83 0.70 -13.57
CA VAL B 177 10.03 -0.59 -14.22
C VAL B 177 11.37 -1.19 -13.80
N ILE B 178 11.39 -2.51 -13.63
CA ILE B 178 12.63 -3.23 -13.36
C ILE B 178 13.63 -2.92 -14.48
N GLY B 179 14.79 -2.41 -14.11
CA GLY B 179 15.81 -2.02 -15.09
C GLY B 179 15.87 -0.53 -15.33
N ASP B 180 14.98 0.22 -14.71
CA ASP B 180 14.95 1.68 -14.83
C ASP B 180 16.16 2.31 -14.16
N LYS B 181 16.76 3.31 -14.83
CA LYS B 181 17.82 4.10 -14.22
C LYS B 181 17.21 5.28 -13.43
N VAL B 182 17.38 5.26 -12.12
CA VAL B 182 16.72 6.25 -11.26
C VAL B 182 17.68 7.18 -10.55
N VAL B 183 17.11 8.21 -9.94
CA VAL B 183 17.80 9.14 -9.08
C VAL B 183 17.19 8.95 -7.69
N LEU B 184 18.04 8.68 -6.71
CA LEU B 184 17.60 8.57 -5.31
C LEU B 184 17.91 9.87 -4.55
N ASN B 185 16.90 10.73 -4.42
CA ASN B 185 17.09 12.04 -3.80
C ASN B 185 16.35 12.18 -2.46
N PRO B 186 17.11 12.51 -1.39
CA PRO B 186 16.59 12.58 -0.01
C PRO B 186 15.44 13.56 0.13
N VAL B 187 14.54 13.29 1.08
CA VAL B 187 13.35 14.11 1.32
C VAL B 187 13.73 15.43 1.98
N ASN B 188 14.58 15.31 3.00
CA ASN B 188 14.98 16.42 3.84
C ASN B 188 16.51 16.48 3.85
N ALA B 189 17.15 15.31 4.01
CA ALA B 189 18.61 15.23 4.22
C ALA B 189 19.53 15.96 3.21
N GLY B 190 19.02 16.26 2.01
CA GLY B 190 19.76 17.05 1.02
C GLY B 190 19.88 16.49 -0.39
N GLN B 191 21.12 16.34 -0.85
CA GLN B 191 21.47 16.03 -2.25
C GLN B 191 21.35 14.56 -2.65
N PRO B 192 21.16 14.28 -3.96
CA PRO B 192 20.94 12.90 -4.44
C PRO B 192 22.13 11.99 -4.22
N LEU B 193 21.86 10.69 -4.17
CA LEU B 193 22.86 9.71 -3.84
C LEU B 193 23.87 9.60 -4.98
N HIS B 194 25.14 9.70 -4.63
CA HIS B 194 26.21 9.85 -5.61
C HIS B 194 27.33 8.90 -5.37
N ALA B 195 27.73 8.18 -6.42
CA ALA B 195 28.92 7.33 -6.38
C ALA B 195 30.12 8.09 -6.95
N SER B 196 31.12 8.29 -6.09
CA SER B 196 32.25 9.18 -6.39
C SER B 196 33.44 8.50 -7.08
N SER B 197 34.34 9.32 -7.62
CA SER B 197 35.63 8.86 -8.08
C SER B 197 36.56 8.65 -6.88
N HIS B 198 36.29 9.40 -5.82
CA HIS B 198 37.07 9.34 -4.57
C HIS B 198 37.17 7.94 -4.05
N GLN B 199 38.40 7.52 -3.79
CA GLN B 199 38.69 6.14 -3.40
C GLN B 199 39.15 6.05 -1.95
N LEU B 200 38.71 5.00 -1.27
CA LEU B 200 39.06 4.78 0.14
C LEU B 200 40.48 4.28 0.31
N VAL B 201 41.13 4.72 1.38
CA VAL B 201 42.55 4.45 1.61
C VAL B 201 42.81 3.04 2.13
N ASP B 202 41.95 2.57 3.04
CA ASP B 202 42.10 1.25 3.64
C ASP B 202 41.74 0.11 2.68
N ASN B 203 40.70 0.32 1.87
CA ASN B 203 40.23 -0.68 0.91
C ASN B 203 40.46 -0.24 -0.53
N PRO B 204 41.40 -0.90 -1.23
CA PRO B 204 41.86 -0.56 -2.59
C PRO B 204 40.77 -0.22 -3.63
N GLY B 205 40.06 -1.23 -4.14
CA GLY B 205 39.19 -1.03 -5.30
C GLY B 205 37.75 -0.63 -5.00
N ALA B 206 37.55 0.29 -4.05
CA ALA B 206 36.21 0.73 -3.64
C ALA B 206 36.10 2.25 -3.50
N ASN B 207 35.03 2.81 -4.06
CA ASN B 207 34.82 4.26 -4.07
C ASN B 207 33.67 4.70 -3.19
N GLU B 208 33.78 5.92 -2.65
CA GLU B 208 32.80 6.47 -1.71
C GLU B 208 31.43 6.72 -2.37
N VAL B 209 30.38 6.43 -1.61
CA VAL B 209 29.03 6.84 -1.97
C VAL B 209 28.63 7.94 -0.99
N ASN B 210 28.28 9.10 -1.52
CA ASN B 210 27.94 10.25 -0.69
C ASN B 210 26.71 10.99 -1.20
N SER B 211 26.53 12.23 -0.76
CA SER B 211 25.35 13.00 -1.09
C SER B 211 25.71 14.34 -1.73
N VAL B 212 25.76 14.37 -3.07
CA VAL B 212 26.02 15.60 -3.82
C VAL B 212 25.16 15.74 -5.09
N ASN B 213 24.99 16.98 -5.54
CA ASN B 213 24.46 17.26 -6.86
C ASN B 213 25.42 16.73 -7.92
N ALA B 214 25.11 15.54 -8.44
CA ALA B 214 25.90 14.92 -9.52
C ALA B 214 25.11 13.78 -10.18
N ASN B 215 25.15 13.78 -11.51
CA ASN B 215 24.37 12.85 -12.33
C ASN B 215 24.80 11.38 -12.24
N THR B 216 24.38 10.70 -11.17
CA THR B 216 24.56 9.28 -11.04
C THR B 216 23.24 8.59 -11.25
N SER B 217 23.18 7.72 -12.24
CA SER B 217 21.96 6.95 -12.50
C SER B 217 22.10 5.58 -11.85
N TRP B 218 21.05 5.16 -11.14
CA TRP B 218 21.03 3.87 -10.49
C TRP B 218 20.09 2.89 -11.15
N LYS B 219 20.67 1.83 -11.71
CA LYS B 219 19.88 0.80 -12.39
C LYS B 219 19.34 -0.20 -11.39
N ILE B 220 18.03 -0.41 -11.43
CA ILE B 220 17.36 -1.28 -10.49
C ILE B 220 17.34 -2.71 -11.02
N VAL B 221 18.34 -3.49 -10.62
CA VAL B 221 18.50 -4.86 -11.06
C VAL B 221 17.80 -5.79 -10.07
N LEU B 222 16.78 -6.49 -10.56
CA LEU B 222 15.93 -7.35 -9.74
C LEU B 222 16.64 -8.65 -9.34
N PHE B 223 16.71 -8.90 -8.04
CA PHE B 223 17.20 -10.17 -7.53
C PHE B 223 16.02 -11.10 -7.27
N MET B 224 15.02 -10.60 -6.54
CA MET B 224 13.85 -11.42 -6.20
C MET B 224 12.55 -10.64 -6.04
N LYS B 225 11.50 -11.07 -6.74
CA LYS B 225 10.14 -10.51 -6.57
C LYS B 225 9.63 -10.76 -5.16
N TRP B 226 8.96 -9.76 -4.61
CA TRP B 226 8.39 -9.83 -3.27
C TRP B 226 7.69 -11.15 -2.99
N SER B 227 6.85 -11.59 -3.93
CA SER B 227 6.01 -12.78 -3.73
C SER B 227 6.77 -14.10 -3.63
N ASP B 228 8.00 -14.12 -4.13
CA ASP B 228 8.83 -15.32 -4.03
C ASP B 228 9.70 -15.32 -2.77
N ASN B 229 9.74 -14.20 -2.06
CA ASN B 229 10.49 -14.08 -0.81
C ASN B 229 9.64 -14.49 0.41
N LYS B 230 9.10 -15.71 0.38
CA LYS B 230 8.28 -16.21 1.49
C LYS B 230 9.11 -17.02 2.51
N ASP B 231 8.69 -16.90 3.77
CA ASP B 231 9.38 -17.47 4.91
C ASP B 231 9.44 -19.01 4.92
N ASP B 232 8.35 -19.66 4.52
CA ASP B 232 8.24 -21.11 4.65
C ASP B 232 8.65 -21.87 3.39
N ILE B 233 9.60 -21.33 2.63
CA ILE B 233 9.97 -21.89 1.33
C ILE B 233 11.46 -21.75 1.04
N LEU B 234 12.06 -22.78 0.43
CA LEU B 234 13.47 -22.74 0.07
C LEU B 234 13.69 -21.79 -1.10
N LYS B 235 14.65 -20.88 -0.95
CA LYS B 235 14.89 -19.88 -1.99
C LYS B 235 16.34 -19.46 -2.11
N GLY B 236 16.70 -18.93 -3.27
CA GLY B 236 18.06 -18.46 -3.51
C GLY B 236 18.47 -17.44 -2.48
N GLY B 237 19.62 -17.66 -1.85
CA GLY B 237 20.11 -16.77 -0.82
C GLY B 237 19.82 -17.30 0.58
N ASP B 238 19.12 -18.43 0.67
CA ASP B 238 18.89 -19.07 1.95
C ASP B 238 20.14 -19.78 2.39
N VAL B 239 20.53 -19.53 3.63
CA VAL B 239 21.62 -20.26 4.26
C VAL B 239 21.05 -21.45 5.02
N VAL B 240 21.63 -22.62 4.76
CA VAL B 240 21.12 -23.88 5.28
C VAL B 240 22.23 -24.75 5.84
N ARG B 241 21.85 -25.66 6.72
CA ARG B 241 22.69 -26.80 7.05
C ARG B 241 22.08 -27.99 6.32
N LEU B 242 22.92 -28.93 5.89
CA LEU B 242 22.44 -30.17 5.28
C LEU B 242 22.81 -31.32 6.19
N PHE B 243 21.77 -31.89 6.80
CA PHE B 243 21.90 -32.87 7.88
C PHE B 243 21.48 -34.23 7.38
N HIS B 244 22.44 -35.16 7.30
CA HIS B 244 22.21 -36.53 6.83
C HIS B 244 21.42 -37.29 7.84
N ALA B 245 20.23 -37.74 7.45
CA ALA B 245 19.22 -38.29 8.38
C ALA B 245 19.68 -39.49 9.20
N GLU B 246 20.20 -40.54 8.54
CA GLU B 246 20.60 -41.76 9.24
C GLU B 246 21.95 -41.61 9.98
N GLN B 247 22.94 -41.03 9.29
CA GLN B 247 24.25 -40.79 9.89
C GLN B 247 24.15 -39.88 11.09
N GLU B 248 23.20 -38.94 11.02
CA GLU B 248 22.98 -37.92 12.04
C GLU B 248 24.21 -37.01 12.15
N LYS B 249 24.67 -36.58 10.98
CA LYS B 249 25.83 -35.71 10.82
C LYS B 249 25.54 -34.61 9.79
N PHE B 250 26.19 -33.46 9.95
CA PHE B 250 26.03 -32.35 9.02
C PHE B 250 27.14 -32.37 7.98
N LEU B 251 26.75 -32.21 6.72
CA LEU B 251 27.71 -32.09 5.63
C LEU B 251 28.56 -30.83 5.84
N THR B 252 29.82 -31.00 6.21
CA THR B 252 30.68 -29.84 6.34
C THR B 252 31.85 -29.87 5.35
N ALA B 253 32.53 -28.73 5.22
CA ALA B 253 33.71 -28.59 4.37
C ALA B 253 34.78 -27.78 5.09
N ASP B 254 36.01 -28.29 5.08
CA ASP B 254 37.14 -27.60 5.71
C ASP B 254 38.49 -28.05 5.14
N GLU B 255 39.54 -27.33 5.53
CA GLU B 255 40.89 -27.62 5.10
C GLU B 255 41.51 -28.74 5.93
N HIS B 256 41.99 -29.76 5.23
CA HIS B 256 42.85 -30.75 5.82
C HIS B 256 44.09 -30.83 4.96
N ARG B 257 45.23 -30.53 5.59
CA ARG B 257 46.53 -30.55 4.90
C ARG B 257 46.49 -29.83 3.55
N LYS B 258 46.34 -28.51 3.61
CA LYS B 258 46.47 -27.62 2.45
C LYS B 258 45.50 -27.87 1.28
N LYS B 259 44.34 -28.47 1.56
CA LYS B 259 43.31 -28.71 0.53
C LYS B 259 41.92 -28.74 1.15
N GLN B 260 40.94 -28.18 0.44
CA GLN B 260 39.54 -28.18 0.92
C GLN B 260 38.86 -29.53 0.68
N HIS B 261 38.27 -30.08 1.75
CA HIS B 261 37.58 -31.37 1.65
C HIS B 261 36.14 -31.28 2.12
N VAL B 262 35.28 -32.07 1.50
CA VAL B 262 33.88 -32.16 1.89
C VAL B 262 33.61 -33.50 2.57
N PHE B 263 33.03 -33.47 3.76
CA PHE B 263 32.89 -34.66 4.58
C PHE B 263 31.67 -34.60 5.51
N LEU B 264 31.32 -35.75 6.08
CA LEU B 264 30.48 -35.79 7.27
C LEU B 264 31.39 -35.96 8.48
N ARG B 265 31.08 -35.23 9.55
CA ARG B 265 31.98 -35.06 10.69
C ARG B 265 31.79 -36.12 11.79
N THR B 266 32.76 -37.01 11.98
CA THR B 266 32.65 -38.10 12.97
C THR B 266 32.32 -37.55 14.37
N THR B 267 31.06 -37.68 14.75
CA THR B 267 30.54 -37.18 16.01
C THR B 267 29.94 -38.31 16.85
N SER B 271 21.46 -34.36 16.29
CA SER B 271 20.16 -34.03 15.71
C SER B 271 20.18 -32.71 14.92
N ALA B 272 19.28 -32.61 13.92
CA ALA B 272 19.21 -31.47 13.01
C ALA B 272 19.17 -30.10 13.69
N THR B 273 18.43 -29.99 14.79
CA THR B 273 18.27 -28.73 15.53
C THR B 273 19.56 -28.35 16.29
N SER B 274 20.56 -29.23 16.22
CA SER B 274 21.83 -29.05 16.91
C SER B 274 22.67 -27.91 16.35
N ALA B 275 23.41 -27.25 17.25
CA ALA B 275 24.37 -26.24 16.89
C ALA B 275 25.54 -26.87 16.11
N THR B 276 26.14 -26.10 15.22
CA THR B 276 27.34 -26.55 14.52
C THR B 276 28.37 -25.45 14.39
N SER B 277 29.46 -25.83 13.76
CA SER B 277 30.49 -24.91 13.29
C SER B 277 29.95 -24.03 12.16
N SER B 278 30.68 -22.96 11.88
CA SER B 278 30.50 -22.14 10.71
C SER B 278 30.72 -22.94 9.42
N LYS B 279 31.59 -23.94 9.47
CA LYS B 279 32.01 -24.71 8.29
C LYS B 279 30.90 -25.61 7.72
N ALA B 280 29.82 -25.74 8.47
CA ALA B 280 28.67 -26.52 8.03
C ALA B 280 27.56 -25.65 7.44
N LEU B 281 27.88 -24.39 7.09
CA LEU B 281 26.88 -23.48 6.50
C LEU B 281 26.97 -23.39 4.97
N TRP B 282 25.80 -23.57 4.33
CA TRP B 282 25.67 -23.59 2.88
C TRP B 282 24.62 -22.61 2.40
N GLU B 283 25.01 -21.73 1.49
CA GLU B 283 24.07 -20.82 0.87
C GLU B 283 23.54 -21.43 -0.41
N VAL B 284 22.22 -21.39 -0.56
CA VAL B 284 21.53 -22.04 -1.66
C VAL B 284 21.40 -21.11 -2.85
N GLU B 285 21.82 -21.55 -4.03
CA GLU B 285 21.55 -20.81 -5.27
C GLU B 285 20.59 -21.62 -6.13
N VAL B 286 19.51 -21.00 -6.62
CA VAL B 286 18.66 -21.72 -7.58
C VAL B 286 19.00 -21.19 -8.96
N VAL B 287 19.48 -22.08 -9.83
CA VAL B 287 19.96 -21.70 -11.16
C VAL B 287 18.91 -20.87 -11.88
N GLN B 288 19.37 -19.91 -12.68
CA GLN B 288 18.50 -18.94 -13.29
C GLN B 288 19.17 -18.50 -14.58
N HIS B 289 18.38 -18.26 -15.63
CA HIS B 289 18.93 -17.75 -16.88
C HIS B 289 19.67 -16.46 -16.63
N ASP B 290 19.04 -15.55 -15.89
CA ASP B 290 19.69 -14.30 -15.51
C ASP B 290 20.78 -14.56 -14.45
N PRO B 291 21.92 -13.86 -14.57
CA PRO B 291 23.05 -14.09 -13.66
C PRO B 291 22.84 -13.46 -12.28
N ALA B 292 22.12 -12.34 -12.24
CA ALA B 292 21.89 -11.58 -11.00
C ALA B 292 20.55 -11.90 -10.32
N ARG B 293 19.82 -12.88 -10.85
CA ARG B 293 18.46 -13.15 -10.39
C ARG B 293 18.48 -14.22 -9.34
N GLY B 294 17.63 -14.05 -8.32
CA GLY B 294 17.40 -15.11 -7.33
C GLY B 294 16.16 -15.90 -7.68
N GLY B 295 15.60 -16.62 -6.72
CA GLY B 295 14.36 -17.33 -7.00
C GLY B 295 13.97 -18.37 -5.97
N ALA B 296 12.67 -18.63 -5.92
CA ALA B 296 12.12 -19.66 -5.05
C ALA B 296 12.34 -21.04 -5.63
N GLY B 297 12.74 -21.97 -4.79
CA GLY B 297 13.00 -23.34 -5.21
C GLY B 297 11.74 -24.15 -5.45
N TYR B 298 11.59 -24.63 -6.69
CA TYR B 298 10.55 -25.57 -7.02
C TYR B 298 11.20 -26.95 -7.00
N TRP B 299 10.40 -28.01 -7.11
CA TRP B 299 10.98 -29.35 -7.17
C TRP B 299 11.73 -29.55 -8.46
N ASN B 300 11.14 -29.14 -9.58
CA ASN B 300 11.85 -29.17 -10.87
C ASN B 300 12.90 -28.06 -11.03
N SER B 301 13.30 -27.42 -9.94
CA SER B 301 14.37 -26.44 -10.01
C SER B 301 15.72 -27.14 -10.04
N LEU B 302 16.75 -26.37 -10.34
CA LEU B 302 18.13 -26.82 -10.28
C LEU B 302 18.92 -26.04 -9.24
N PHE B 303 19.70 -26.72 -8.42
CA PHE B 303 20.34 -26.05 -7.29
C PHE B 303 21.86 -26.06 -7.30
N ARG B 304 22.42 -25.05 -6.65
CA ARG B 304 23.85 -24.97 -6.35
C ARG B 304 23.97 -24.66 -4.87
N PHE B 305 25.00 -25.19 -4.22
CA PHE B 305 25.24 -24.91 -2.81
C PHE B 305 26.62 -24.28 -2.62
N LYS B 306 26.63 -23.01 -2.25
CA LYS B 306 27.86 -22.28 -2.01
C LYS B 306 28.25 -22.40 -0.56
N HIS B 307 29.43 -22.97 -0.32
CA HIS B 307 30.01 -23.05 1.02
C HIS B 307 30.23 -21.65 1.52
N LEU B 308 29.48 -21.30 2.55
CA LEU B 308 29.42 -19.92 3.02
C LEU B 308 30.77 -19.39 3.51
N ALA B 309 31.54 -20.26 4.16
CA ALA B 309 32.78 -19.84 4.80
C ALA B 309 33.85 -19.47 3.79
N THR B 310 33.98 -20.28 2.74
CA THR B 310 35.09 -20.13 1.79
C THR B 310 34.69 -19.51 0.46
N GLY B 311 33.40 -19.56 0.13
CA GLY B 311 32.93 -19.05 -1.14
C GLY B 311 32.96 -20.13 -2.21
N HIS B 312 33.49 -21.30 -1.86
CA HIS B 312 33.63 -22.43 -2.76
C HIS B 312 32.33 -23.15 -2.95
N TYR B 313 32.18 -23.84 -4.07
CA TYR B 313 30.94 -24.57 -4.39
C TYR B 313 31.07 -26.08 -4.23
N LEU B 314 30.01 -26.70 -3.72
CA LEU B 314 29.90 -28.15 -3.62
C LEU B 314 29.74 -28.76 -5.00
N ALA B 315 30.48 -29.83 -5.26
CA ALA B 315 30.48 -30.48 -6.57
C ALA B 315 30.80 -31.97 -6.41
N ALA B 316 30.85 -32.69 -7.53
CA ALA B 316 31.27 -34.09 -7.55
C ALA B 316 32.35 -34.27 -8.61
N GLU B 317 33.31 -35.15 -8.35
CA GLU B 317 34.41 -35.40 -9.27
C GLU B 317 35.05 -36.76 -9.07
N VAL B 318 35.77 -37.22 -10.09
CA VAL B 318 36.51 -38.48 -10.05
C VAL B 318 37.40 -38.58 -8.81
N ASP B 319 37.55 -39.81 -8.31
CA ASP B 319 38.25 -40.06 -7.05
C ASP B 319 39.67 -40.58 -7.28
N PRO B 320 40.68 -39.99 -6.60
CA PRO B 320 42.07 -40.49 -6.63
C PRO B 320 42.19 -41.93 -6.14
N VAL B 352 33.25 -44.21 -7.30
CA VAL B 352 33.92 -43.56 -8.43
C VAL B 352 33.87 -42.03 -8.32
N TYR B 353 32.67 -41.44 -8.31
CA TYR B 353 32.53 -40.01 -8.10
C TYR B 353 32.41 -39.75 -6.62
N SER B 354 32.97 -38.64 -6.15
CA SER B 354 32.77 -38.22 -4.76
C SER B 354 32.58 -36.72 -4.64
N LEU B 355 31.99 -36.28 -3.54
CA LEU B 355 31.71 -34.86 -3.32
C LEU B 355 32.98 -34.06 -3.06
N VAL B 356 33.11 -32.92 -3.74
CA VAL B 356 34.30 -32.08 -3.65
C VAL B 356 33.96 -30.61 -3.45
N SER B 357 35.00 -29.79 -3.35
CA SER B 357 34.85 -28.36 -3.10
C SER B 357 35.61 -27.57 -4.19
N VAL B 358 34.92 -27.24 -5.28
CA VAL B 358 35.50 -26.46 -6.39
C VAL B 358 35.41 -24.94 -6.12
N PRO B 359 36.33 -24.15 -6.73
CA PRO B 359 36.37 -22.71 -6.40
C PRO B 359 35.37 -21.81 -7.13
N GLU B 360 34.78 -22.30 -8.23
CA GLU B 360 33.79 -21.51 -8.99
C GLU B 360 32.44 -22.22 -9.13
N GLY B 361 31.40 -21.45 -9.45
CA GLY B 361 30.06 -21.99 -9.59
C GLY B 361 29.47 -21.78 -10.96
N ASN B 362 30.27 -22.05 -11.99
CA ASN B 362 29.90 -21.80 -13.38
C ASN B 362 29.73 -23.05 -14.23
N ASP B 363 30.45 -24.13 -13.89
CA ASP B 363 30.35 -25.39 -14.62
C ASP B 363 29.16 -26.23 -14.15
N ILE B 364 28.82 -27.26 -14.93
CA ILE B 364 27.66 -28.12 -14.71
C ILE B 364 27.90 -29.08 -13.55
N SER B 365 29.18 -29.26 -13.22
CA SER B 365 29.60 -30.18 -12.16
C SER B 365 29.07 -29.81 -10.77
N SER B 366 28.67 -28.56 -10.59
CA SER B 366 28.22 -28.08 -9.29
C SER B 366 26.69 -28.03 -9.12
N ILE B 367 25.97 -28.53 -10.12
CA ILE B 367 24.51 -28.46 -10.13
C ILE B 367 23.86 -29.72 -9.55
N PHE B 368 22.83 -29.52 -8.73
CA PHE B 368 22.13 -30.62 -8.06
C PHE B 368 20.64 -30.54 -8.28
N GLU B 369 20.01 -31.70 -8.27
CA GLU B 369 18.56 -31.78 -8.32
C GLU B 369 18.12 -32.19 -6.93
N LEU B 370 16.94 -31.75 -6.50
CA LEU B 370 16.39 -32.22 -5.22
C LEU B 370 15.25 -33.22 -5.44
N ASP B 371 15.43 -34.40 -4.88
CA ASP B 371 14.44 -35.46 -4.95
C ASP B 371 13.65 -35.54 -3.64
N PRO B 372 12.32 -35.32 -3.71
CA PRO B 372 11.52 -35.42 -2.50
C PRO B 372 11.33 -36.88 -2.10
N THR B 373 11.00 -37.14 -0.84
CA THR B 373 10.78 -38.52 -0.39
C THR B 373 9.46 -39.10 -0.93
N THR B 374 8.66 -38.22 -1.55
CA THR B 374 7.32 -38.55 -2.03
C THR B 374 6.95 -37.75 -3.28
N ARG B 376 5.21 -35.43 -4.13
CA ARG B 376 5.35 -33.97 -4.25
C ARG B 376 6.04 -33.60 -5.57
N GLY B 377 5.33 -33.77 -6.68
CA GLY B 377 5.82 -33.37 -7.99
C GLY B 377 5.35 -32.00 -8.46
N GLY B 378 6.21 -31.29 -9.20
CA GLY B 378 5.91 -29.97 -9.73
C GLY B 378 7.18 -29.28 -10.19
N ASP B 379 7.17 -27.98 -10.53
CA ASP B 379 6.01 -27.05 -10.53
C ASP B 379 5.43 -26.72 -9.13
N SER B 380 6.05 -27.27 -8.08
CA SER B 380 5.60 -27.08 -6.71
C SER B 380 6.76 -26.64 -5.84
N LEU B 381 6.46 -25.73 -4.91
CA LEU B 381 7.47 -25.08 -4.09
C LEU B 381 8.04 -25.98 -3.01
N VAL B 382 9.36 -26.00 -2.90
CA VAL B 382 10.06 -26.77 -1.88
C VAL B 382 9.88 -26.10 -0.52
N PRO B 383 9.14 -26.74 0.41
CA PRO B 383 8.98 -26.14 1.73
C PRO B 383 10.28 -26.05 2.52
N ARG B 384 10.31 -25.17 3.51
CA ARG B 384 11.42 -25.05 4.43
C ARG B 384 11.60 -26.36 5.24
N ASN B 385 12.85 -26.64 5.62
CA ASN B 385 13.27 -27.91 6.23
C ASN B 385 12.58 -29.16 5.67
N SER B 386 12.77 -29.35 4.37
CA SER B 386 12.25 -30.51 3.67
C SER B 386 13.28 -31.62 3.73
N TYR B 387 12.80 -32.86 3.68
CA TYR B 387 13.69 -33.98 3.50
C TYR B 387 13.90 -34.22 2.01
N VAL B 388 15.14 -34.08 1.58
CA VAL B 388 15.47 -34.24 0.18
C VAL B 388 16.60 -35.25 0.02
N ARG B 389 16.61 -35.95 -1.11
CA ARG B 389 17.79 -36.69 -1.51
C ARG B 389 18.38 -36.06 -2.77
N LEU B 390 19.69 -36.13 -2.93
CA LEU B 390 20.42 -35.26 -3.89
C LEU B 390 20.96 -35.97 -5.12
N ARG B 391 20.48 -35.57 -6.29
CA ARG B 391 21.07 -36.04 -7.54
C ARG B 391 22.09 -35.02 -8.07
N HIS B 392 23.31 -35.49 -8.29
CA HIS B 392 24.33 -34.71 -9.00
C HIS B 392 23.96 -34.82 -10.43
N LEU B 393 23.64 -33.67 -11.04
CA LEU B 393 23.05 -33.67 -12.37
C LEU B 393 23.92 -34.30 -13.47
N ALA B 394 25.14 -33.80 -13.65
CA ALA B 394 26.00 -34.19 -14.78
C ALA B 394 26.33 -35.68 -14.83
N THR B 395 26.66 -36.24 -13.69
CA THR B 395 27.02 -37.66 -13.65
C THR B 395 25.80 -38.53 -13.45
N ASN B 396 24.65 -37.91 -13.21
CA ASN B 396 23.41 -38.62 -12.93
C ASN B 396 23.60 -39.68 -11.86
N THR B 397 24.01 -39.23 -10.68
CA THR B 397 24.33 -40.09 -9.55
C THR B 397 23.71 -39.53 -8.28
N TRP B 398 23.65 -40.33 -7.23
CA TRP B 398 23.03 -39.93 -5.97
C TRP B 398 24.02 -39.75 -4.84
N VAL B 399 23.90 -38.65 -4.10
CA VAL B 399 24.75 -38.43 -2.93
C VAL B 399 24.50 -39.51 -1.88
N HIS B 400 25.61 -39.99 -1.30
CA HIS B 400 25.70 -41.26 -0.60
C HIS B 400 26.77 -41.11 0.45
N SER B 401 26.52 -41.51 1.69
CA SER B 401 27.57 -41.45 2.72
C SER B 401 28.47 -42.70 2.70
N THR B 402 29.61 -42.65 3.40
CA THR B 402 30.57 -43.77 3.39
C THR B 402 31.16 -44.09 4.78
N ASN B 403 31.86 -45.22 4.88
CA ASN B 403 32.66 -45.59 6.05
C ASN B 403 34.05 -44.96 6.00
N ILE B 404 34.50 -44.67 4.78
CA ILE B 404 35.90 -44.38 4.47
C ILE B 404 36.33 -43.03 5.01
N PRO B 405 37.37 -43.02 5.86
CA PRO B 405 37.94 -41.76 6.35
C PRO B 405 38.71 -40.99 5.28
N ILE B 406 38.79 -39.66 5.43
CA ILE B 406 39.69 -38.85 4.62
C ILE B 406 41.04 -38.73 5.34
N ASP B 407 41.02 -38.25 6.58
CA ASP B 407 42.25 -38.21 7.40
C ASP B 407 42.65 -39.63 7.84
N LYS B 408 43.15 -40.40 6.88
CA LYS B 408 43.49 -41.81 7.05
C LYS B 408 44.54 -42.06 8.11
N GLU B 409 45.39 -41.06 8.38
CA GLU B 409 46.48 -41.17 9.35
C GLU B 409 46.01 -40.92 10.78
N GLU B 410 45.36 -39.77 10.98
CA GLU B 410 44.99 -39.29 12.32
C GLU B 410 44.06 -40.23 13.08
N LYS B 412 42.28 -42.16 15.14
CA LYS B 412 41.06 -41.40 15.38
C LYS B 412 40.74 -40.40 14.26
N PRO B 413 39.88 -40.80 13.29
CA PRO B 413 39.55 -39.94 12.15
C PRO B 413 38.20 -39.21 12.29
N VAL B 414 38.19 -37.91 11.96
CA VAL B 414 36.97 -37.10 12.11
C VAL B 414 36.30 -36.71 10.77
N MET B 415 36.83 -37.23 9.66
CA MET B 415 36.35 -36.86 8.32
C MET B 415 35.92 -38.07 7.48
N LEU B 416 34.66 -38.10 7.08
CA LEU B 416 34.12 -39.20 6.30
C LEU B 416 33.84 -38.80 4.85
N LYS B 417 34.47 -39.48 3.90
CA LYS B 417 34.20 -39.26 2.48
C LYS B 417 32.68 -39.37 2.22
N ILE B 418 32.21 -38.55 1.29
CA ILE B 418 30.83 -38.62 0.83
C ILE B 418 30.90 -38.89 -0.66
N GLY B 419 30.16 -39.88 -1.13
CA GLY B 419 30.22 -40.26 -2.54
C GLY B 419 28.93 -40.04 -3.28
N THR B 420 28.90 -40.50 -4.53
CA THR B 420 27.67 -40.63 -5.28
C THR B 420 27.67 -41.99 -5.98
N SER B 421 26.50 -42.60 -6.21
CA SER B 421 26.44 -43.81 -7.05
C SER B 421 25.35 -43.75 -8.14
N PRO B 422 25.48 -44.59 -9.19
CA PRO B 422 24.47 -44.52 -10.25
C PRO B 422 23.11 -45.02 -9.78
N LEU B 423 23.12 -46.08 -8.97
CA LEU B 423 21.92 -46.81 -8.55
C LEU B 423 20.92 -46.01 -7.71
N LYS B 424 19.62 -46.16 -8.03
CA LYS B 424 18.53 -45.50 -7.30
C LYS B 424 18.52 -45.88 -5.81
N GLU B 425 18.70 -47.18 -5.53
CA GLU B 425 18.89 -47.72 -4.17
C GLU B 425 19.66 -46.84 -3.17
N ASP B 426 20.68 -46.13 -3.67
CA ASP B 426 21.71 -45.60 -2.78
C ASP B 426 21.46 -44.15 -2.34
N LYS B 427 20.35 -43.57 -2.80
CA LYS B 427 19.87 -42.26 -2.31
C LYS B 427 19.85 -42.29 -0.81
N GLU B 428 20.38 -41.25 -0.18
CA GLU B 428 20.23 -41.11 1.25
C GLU B 428 19.73 -39.69 1.54
N ALA B 429 18.62 -39.60 2.27
CA ALA B 429 17.91 -38.34 2.51
C ALA B 429 18.65 -37.40 3.47
N PHE B 430 18.63 -36.12 3.13
CA PHE B 430 19.13 -35.06 3.99
C PHE B 430 17.96 -34.19 4.45
N ALA B 431 18.12 -33.56 5.61
CA ALA B 431 17.23 -32.49 6.02
C ALA B 431 17.91 -31.19 5.67
N ILE B 432 17.20 -30.35 4.93
CA ILE B 432 17.64 -28.99 4.63
C ILE B 432 17.24 -28.11 5.83
N VAL B 433 18.04 -28.17 6.90
CA VAL B 433 17.84 -27.31 8.08
C VAL B 433 18.04 -25.82 7.75
N PRO B 434 17.02 -24.99 7.99
CA PRO B 434 17.17 -23.56 7.70
C PRO B 434 17.89 -22.79 8.81
N VAL B 435 18.80 -21.91 8.40
CA VAL B 435 19.52 -21.01 9.31
C VAL B 435 18.86 -19.64 9.23
N SER B 436 18.64 -18.99 10.37
CA SER B 436 18.02 -17.67 10.40
C SER B 436 18.99 -16.56 10.04
N PRO B 437 18.52 -15.52 9.31
CA PRO B 437 19.33 -14.35 8.94
C PRO B 437 20.03 -13.67 10.12
N ALA B 438 19.38 -13.65 11.27
CA ALA B 438 19.97 -13.09 12.48
C ALA B 438 21.21 -13.89 12.92
N GLU B 439 21.14 -15.21 12.78
CA GLU B 439 22.23 -16.14 13.09
C GLU B 439 23.40 -15.98 12.10
N VAL B 440 23.08 -15.71 10.84
CA VAL B 440 24.10 -15.45 9.84
C VAL B 440 24.77 -14.09 10.06
N ARG B 441 24.01 -13.11 10.53
CA ARG B 441 24.57 -11.80 10.88
C ARG B 441 25.52 -11.83 12.09
N ASP B 442 25.24 -12.70 13.05
CA ASP B 442 26.16 -12.91 14.18
C ASP B 442 27.50 -13.38 13.65
N LEU B 443 27.46 -14.33 12.72
CA LEU B 443 28.66 -14.85 12.07
C LEU B 443 29.43 -13.75 11.35
N ASP B 444 28.77 -13.06 10.41
CA ASP B 444 29.36 -11.94 9.66
C ASP B 444 30.00 -10.88 10.53
N PHE B 445 29.35 -10.57 11.64
CA PHE B 445 29.84 -9.56 12.56
C PHE B 445 31.09 -10.05 13.29
N ALA B 446 31.06 -11.31 13.72
CA ALA B 446 32.19 -11.90 14.44
C ALA B 446 33.40 -12.06 13.52
N ASN B 447 33.17 -12.41 12.26
CA ASN B 447 34.25 -12.46 11.28
C ASN B 447 34.83 -11.09 11.00
N ASP B 448 33.96 -10.10 10.80
CA ASP B 448 34.42 -8.76 10.49
C ASP B 448 35.04 -8.08 11.70
N ALA B 449 34.50 -8.35 12.89
CA ALA B 449 35.11 -7.85 14.12
C ALA B 449 36.51 -8.42 14.33
N SER B 450 36.69 -9.67 13.91
CA SER B 450 37.98 -10.35 13.95
C SER B 450 38.97 -9.66 13.01
N LYS B 451 38.55 -9.40 11.77
CA LYS B 451 39.38 -8.75 10.76
C LYS B 451 39.96 -7.41 11.23
N VAL B 452 39.13 -6.62 11.91
CA VAL B 452 39.54 -5.30 12.41
C VAL B 452 40.60 -5.41 13.51
N LEU B 453 40.37 -6.26 14.50
CA LEU B 453 41.37 -6.54 15.53
C LEU B 453 42.65 -7.07 14.87
N GLY B 454 42.47 -7.87 13.82
CA GLY B 454 43.58 -8.43 13.03
C GLY B 454 44.45 -7.37 12.39
N SER B 455 43.80 -6.31 11.89
CA SER B 455 44.50 -5.17 11.33
C SER B 455 45.13 -4.29 12.42
N ILE B 456 44.35 -3.98 13.46
CA ILE B 456 44.76 -3.04 14.50
C ILE B 456 45.83 -3.56 15.47
N ALA B 457 46.00 -4.88 15.54
CA ALA B 457 47.08 -5.47 16.35
C ALA B 457 48.42 -5.37 15.64
N GLY B 458 48.42 -5.60 14.32
CA GLY B 458 49.61 -5.46 13.49
C GLY B 458 50.10 -4.02 13.42
N LYS B 459 49.16 -3.08 13.46
CA LYS B 459 49.46 -1.65 13.48
C LYS B 459 49.94 -1.18 14.85
N LEU B 460 49.63 -1.97 15.89
CA LEU B 460 50.08 -1.68 17.25
C LEU B 460 51.39 -2.39 17.58
N GLU B 461 51.65 -3.51 16.92
CA GLU B 461 52.91 -4.23 17.06
C GLU B 461 54.05 -3.50 16.34
N LYS B 462 53.75 -2.94 15.17
CA LYS B 462 54.72 -2.19 14.37
C LYS B 462 55.03 -0.81 14.95
N GLY B 463 54.06 -0.21 15.62
CA GLY B 463 54.26 1.10 16.25
C GLY B 463 53.01 1.87 16.65
N THR B 464 53.03 3.17 16.38
CA THR B 464 51.97 4.09 16.79
C THR B 464 50.64 3.85 16.04
N ILE B 465 49.54 4.26 16.67
CA ILE B 465 48.20 4.19 16.05
C ILE B 465 47.56 5.57 16.05
N THR B 466 46.70 5.81 15.06
CA THR B 466 46.07 7.12 14.89
C THR B 466 44.91 7.35 15.85
N GLN B 467 44.28 8.52 15.74
CA GLN B 467 43.08 8.86 16.50
C GLN B 467 41.88 8.12 15.93
N ASN B 468 41.79 8.06 14.59
CA ASN B 468 40.74 7.32 13.89
C ASN B 468 40.81 5.81 14.14
N GLU B 469 41.97 5.34 14.58
CA GLU B 469 42.18 3.92 14.90
C GLU B 469 41.91 3.61 16.37
N ARG B 470 42.41 4.46 17.26
CA ARG B 470 42.22 4.29 18.71
C ARG B 470 40.72 4.34 19.08
N ARG B 471 39.99 5.26 18.46
CA ARG B 471 38.56 5.43 18.69
C ARG B 471 37.75 4.25 18.15
N SER B 472 38.21 3.68 17.04
CA SER B 472 37.53 2.54 16.40
C SER B 472 37.46 1.32 17.31
N VAL B 473 38.63 0.82 17.71
CA VAL B 473 38.73 -0.41 18.51
C VAL B 473 38.08 -0.26 19.89
N THR B 474 38.12 0.97 20.42
CA THR B 474 37.45 1.29 21.67
C THR B 474 35.96 0.98 21.59
N LYS B 475 35.31 1.42 20.52
CA LYS B 475 33.88 1.18 20.32
C LYS B 475 33.59 -0.28 19.94
N LEU B 476 34.54 -0.94 19.29
CA LEU B 476 34.37 -2.34 18.90
C LEU B 476 34.39 -3.25 20.12
N LEU B 477 35.27 -2.96 21.06
CA LEU B 477 35.38 -3.73 22.30
C LEU B 477 34.12 -3.57 23.15
N GLU B 478 33.59 -2.37 23.22
CA GLU B 478 32.32 -2.12 23.91
C GLU B 478 31.18 -2.81 23.16
N ASP B 479 31.23 -2.77 21.82
CA ASP B 479 30.26 -3.45 20.97
C ASP B 479 30.31 -4.97 21.16
N LEU B 480 31.52 -5.52 21.24
CA LEU B 480 31.71 -6.97 21.46
C LEU B 480 31.15 -7.45 22.80
N VAL B 481 31.15 -6.56 23.79
CA VAL B 481 30.51 -6.82 25.08
C VAL B 481 28.99 -6.82 24.91
N TYR B 482 28.48 -5.75 24.30
CA TYR B 482 27.06 -5.62 23.99
C TYR B 482 26.58 -6.84 23.20
N PHE B 483 27.49 -7.41 22.42
CA PHE B 483 27.22 -8.56 21.55
C PHE B 483 27.12 -9.86 22.34
N VAL B 484 28.16 -10.17 23.09
CA VAL B 484 28.29 -11.45 23.79
C VAL B 484 27.22 -11.67 24.87
N THR B 485 26.32 -10.70 25.02
CA THR B 485 25.26 -10.74 26.05
C THR B 485 23.84 -10.62 25.47
N PHE B 499 24.59 -7.96 37.58
CA PHE B 499 23.41 -8.71 37.17
C PHE B 499 23.32 -8.76 35.65
N SER B 500 23.77 -9.87 35.07
CA SER B 500 23.80 -10.05 33.61
C SER B 500 23.43 -11.47 33.18
N LYS B 501 23.35 -11.69 31.87
CA LYS B 501 23.03 -13.00 31.30
C LYS B 501 23.93 -13.36 30.13
N PRO B 502 24.63 -14.51 30.23
CA PRO B 502 25.61 -14.96 29.23
C PRO B 502 24.98 -15.67 28.02
N ASN B 503 25.41 -15.31 26.82
CA ASN B 503 24.89 -15.88 25.58
C ASN B 503 25.79 -16.98 25.00
N ARG B 504 25.32 -18.22 25.09
CA ARG B 504 26.10 -19.40 24.70
C ARG B 504 26.48 -19.40 23.22
N GLU B 505 25.47 -19.45 22.36
CA GLU B 505 25.68 -19.54 20.91
C GLU B 505 26.61 -18.46 20.36
N ARG B 506 26.69 -17.32 21.03
CA ARG B 506 27.58 -16.23 20.62
C ARG B 506 28.97 -16.34 21.24
N GLN B 507 29.03 -16.95 22.43
CA GLN B 507 30.30 -17.23 23.07
C GLN B 507 31.12 -18.18 22.21
N LYS B 508 30.44 -19.16 21.61
CA LYS B 508 31.05 -20.10 20.68
C LYS B 508 31.67 -19.37 19.50
N LEU B 509 30.99 -18.35 18.99
CA LEU B 509 31.51 -17.53 17.90
C LEU B 509 32.78 -16.80 18.28
N MET B 510 32.85 -16.31 19.52
CA MET B 510 34.02 -15.59 20.01
C MET B 510 35.29 -16.40 19.80
N ARG B 511 35.22 -17.69 20.10
CA ARG B 511 36.35 -18.61 19.95
C ARG B 511 36.55 -19.05 18.49
N GLU B 512 35.47 -19.55 17.88
CA GLU B 512 35.56 -20.20 16.57
C GLU B 512 35.78 -19.27 15.39
N GLN B 513 35.59 -17.97 15.61
CA GLN B 513 35.84 -16.98 14.57
C GLN B 513 37.06 -16.11 14.89
N ASN B 514 37.87 -16.60 15.84
CA ASN B 514 39.17 -16.01 16.20
C ASN B 514 39.12 -14.59 16.79
N ILE B 515 38.04 -14.27 17.51
CA ILE B 515 37.95 -12.98 18.21
C ILE B 515 38.90 -12.99 19.41
N LEU B 516 38.79 -14.03 20.24
CA LEU B 516 39.64 -14.21 21.42
C LEU B 516 41.10 -14.25 21.01
N LYS B 517 41.41 -15.01 19.96
CA LYS B 517 42.77 -15.14 19.44
C LYS B 517 43.33 -13.78 18.99
N GLN B 518 42.47 -12.95 18.40
CA GLN B 518 42.87 -11.62 17.97
C GLN B 518 43.07 -10.66 19.14
N ILE B 519 42.24 -10.81 20.18
CA ILE B 519 42.36 -9.96 21.37
C ILE B 519 43.68 -10.23 22.09
N PHE B 520 44.08 -11.50 22.17
CA PHE B 520 45.35 -11.89 22.77
C PHE B 520 46.55 -11.33 22.01
N LYS B 521 46.39 -11.12 20.70
CA LYS B 521 47.40 -10.43 19.91
C LYS B 521 47.47 -8.95 20.32
N LEU B 522 46.32 -8.40 20.69
CA LEU B 522 46.22 -7.00 21.10
C LEU B 522 46.42 -6.82 22.62
N HIS B 551 41.71 2.22 30.07
CA HIS B 551 42.49 1.92 28.88
C HIS B 551 41.64 1.17 27.88
N ILE B 552 42.32 0.50 26.95
CA ILE B 552 41.71 -0.40 25.96
C ILE B 552 41.84 -1.84 26.48
N ALA B 553 42.97 -2.12 27.13
CA ALA B 553 43.24 -3.40 27.77
C ALA B 553 42.19 -3.77 28.82
N ARG B 554 41.77 -2.77 29.61
CA ARG B 554 40.72 -2.96 30.63
C ARG B 554 39.41 -3.44 30.02
N LEU B 555 39.03 -2.83 28.89
CA LEU B 555 37.81 -3.21 28.16
C LEU B 555 37.99 -4.52 27.39
N ALA B 556 39.22 -4.79 26.97
CA ALA B 556 39.56 -6.06 26.32
C ALA B 556 39.43 -7.23 27.30
N TYR B 557 39.72 -6.96 28.57
CA TYR B 557 39.55 -7.94 29.65
C TYR B 557 38.06 -8.24 29.86
N ARG B 558 37.24 -7.20 29.80
CA ARG B 558 35.80 -7.30 30.04
C ARG B 558 35.12 -8.22 29.02
N VAL B 559 35.66 -8.25 27.80
CA VAL B 559 35.20 -9.19 26.76
C VAL B 559 35.49 -10.63 27.19
N LEU B 560 36.72 -10.87 27.62
CA LEU B 560 37.21 -12.20 28.00
C LEU B 560 36.36 -12.86 29.10
N ARG B 561 35.96 -12.08 30.10
CA ARG B 561 35.08 -12.58 31.16
C ARG B 561 33.60 -12.40 30.80
N SER B 563 32.67 -13.77 27.84
CA SER B 563 33.08 -14.83 26.92
C SER B 563 33.28 -16.14 27.66
N GLN B 564 33.76 -16.03 28.89
CA GLN B 564 34.18 -17.18 29.69
C GLN B 564 33.06 -17.63 30.63
N GLN B 565 32.14 -16.70 30.91
CA GLN B 565 31.09 -16.88 31.92
C GLN B 565 30.30 -18.20 31.78
N ASP B 566 30.48 -19.08 32.75
CA ASP B 566 29.78 -20.38 32.88
C ASP B 566 29.89 -21.32 31.67
N TYR B 567 30.92 -21.13 30.85
CA TYR B 567 31.14 -21.96 29.66
C TYR B 567 32.51 -22.63 29.72
N ARG B 568 32.50 -23.96 29.67
CA ARG B 568 33.69 -24.78 29.94
C ARG B 568 34.75 -24.71 28.85
N LYS B 569 34.35 -25.03 27.62
CA LYS B 569 35.26 -25.09 26.47
C LYS B 569 36.10 -23.82 26.34
N ASN B 570 35.46 -22.67 26.58
CA ASN B 570 36.11 -21.36 26.50
C ASN B 570 37.00 -21.04 27.70
N GLN B 571 36.71 -21.64 28.84
CA GLN B 571 37.56 -21.53 30.03
C GLN B 571 38.93 -22.11 29.74
N GLU B 572 38.93 -23.28 29.12
CA GLU B 572 40.15 -24.01 28.76
C GLU B 572 40.94 -23.32 27.66
N TYR B 573 40.22 -22.74 26.69
CA TYR B 573 40.85 -22.06 25.55
C TYR B 573 41.61 -20.79 25.96
N ILE B 574 41.01 -20.01 26.85
CA ILE B 574 41.61 -18.75 27.29
C ILE B 574 42.83 -18.99 28.17
N ALA B 575 42.74 -19.99 29.05
CA ALA B 575 43.86 -20.38 29.90
C ALA B 575 45.05 -20.87 29.07
N LYS B 576 44.77 -21.73 28.08
CA LYS B 576 45.77 -22.25 27.17
C LYS B 576 46.43 -21.14 26.34
N GLN B 577 45.66 -20.09 26.07
CA GLN B 577 46.14 -18.92 25.30
C GLN B 577 46.93 -17.96 26.17
N PHE B 578 46.51 -17.81 27.43
CA PHE B 578 47.27 -17.04 28.42
C PHE B 578 48.58 -17.76 28.73
N GLY B 579 48.55 -19.09 28.68
CA GLY B 579 49.73 -19.93 28.81
C GLY B 579 50.72 -19.70 27.68
N PHE B 580 50.18 -19.54 26.46
CA PHE B 580 51.00 -19.17 25.31
C PHE B 580 51.57 -17.76 25.48
N MET B 581 50.82 -16.90 26.15
CA MET B 581 51.26 -15.52 26.41
C MET B 581 52.06 -15.43 27.71
#